data_5ZAC
#
_entry.id   5ZAC
#
_cell.length_a   64.227
_cell.length_b   119.893
_cell.length_c   125.211
_cell.angle_alpha   90.00
_cell.angle_beta   90.00
_cell.angle_gamma   90.00
#
_symmetry.space_group_name_H-M   'P 21 21 21'
#
loop_
_entity.id
_entity.type
_entity.pdbx_description
1 polymer Concanavalin-A
2 non-polymer 'MANGANESE (II) ION'
3 non-polymer 'CALCIUM ION'
4 non-polymer alpha-D-mannopyranose
5 non-polymer 2H-1,2,3-TRIAZOL-4-YLMETHANOL
6 water water
#
_entity_poly.entity_id   1
_entity_poly.type   'polypeptide(L)'
_entity_poly.pdbx_seq_one_letter_code
;ADTIVAVELDTYPNTDIGDPSYPHIGIDIKSVRSKKTAKWNMQNGKVGTAHIIYNSVDKRLSAVVSYPNADSATVSYDVD
LDNVLPEWVRVGLSASTGLYKETNTILSWSFTSKLKSNSTHETNALHFMFNQFSKDQKDLILQGDATTGTDGNLELTRVS
SNGSPQGSSVGRALFYAPVHIWESSAVVASFEATFTFLIKSPDSHPADGIAFFISNIDSSIPSGSTGRLLGLFPDAN
;
_entity_poly.pdbx_strand_id   A,B,C,D
#
loop_
_chem_comp.id
_chem_comp.type
_chem_comp.name
_chem_comp.formula
CA non-polymer 'CALCIUM ION' 'Ca 2'
MAN D-saccharide, alpha linking alpha-D-mannopyranose 'C6 H12 O6'
MN non-polymer 'MANGANESE (II) ION' 'Mn 2'
TA5 non-polymer 2H-1,2,3-TRIAZOL-4-YLMETHANOL 'C3 H5 N3 O'
#
# COMPACT_ATOMS: atom_id res chain seq x y z
N ALA A 1 -15.45 15.38 -29.08
CA ALA A 1 -16.26 14.36 -28.35
C ALA A 1 -15.38 13.41 -27.54
N ASP A 2 -15.84 13.10 -26.33
CA ASP A 2 -15.08 12.32 -25.38
C ASP A 2 -15.10 10.85 -25.75
N THR A 3 -13.99 10.18 -25.39
CA THR A 3 -13.78 8.71 -25.56
C THR A 3 -13.95 8.05 -24.18
N ILE A 4 -15.00 7.24 -24.07
CA ILE A 4 -15.50 6.67 -22.83
C ILE A 4 -15.31 5.16 -22.79
N VAL A 5 -14.60 4.72 -21.73
CA VAL A 5 -14.68 3.34 -21.20
C VAL A 5 -15.39 3.37 -19.83
N ALA A 6 -16.45 2.55 -19.71
CA ALA A 6 -17.24 2.54 -18.48
C ALA A 6 -17.73 1.14 -18.10
N VAL A 7 -17.79 0.88 -16.80
CA VAL A 7 -18.55 -0.23 -16.30
C VAL A 7 -19.84 0.33 -15.72
N GLU A 8 -20.98 -0.09 -16.28
CA GLU A 8 -22.30 0.43 -15.88
C GLU A 8 -22.99 -0.47 -14.87
N LEU A 9 -23.65 0.17 -13.90
CA LEU A 9 -24.65 -0.49 -13.07
C LEU A 9 -26.08 0.00 -13.46
N ASP A 10 -26.69 -0.69 -14.43
CA ASP A 10 -27.89 -0.25 -15.17
C ASP A 10 -29.15 -0.76 -14.51
N THR A 11 -29.80 0.08 -13.70
CA THR A 11 -31.03 -0.28 -12.98
C THR A 11 -32.26 -0.29 -13.89
N TYR A 12 -32.25 0.54 -14.96
CA TYR A 12 -33.44 0.72 -15.80
C TYR A 12 -33.21 0.21 -17.21
N PRO A 13 -33.96 -0.82 -17.63
CA PRO A 13 -33.71 -1.36 -18.96
C PRO A 13 -34.33 -0.53 -20.07
N ASN A 14 -33.49 0.06 -20.91
CA ASN A 14 -33.94 0.73 -22.16
C ASN A 14 -33.87 -0.21 -23.37
N THR A 15 -34.85 -1.10 -23.48
CA THR A 15 -34.87 -2.11 -24.53
C THR A 15 -34.83 -1.50 -25.92
N ASP A 16 -35.51 -0.37 -26.10
CA ASP A 16 -35.53 0.34 -27.39
C ASP A 16 -34.15 0.74 -27.91
N ILE A 17 -33.13 0.76 -27.03
CA ILE A 17 -31.75 1.02 -27.45
C ILE A 17 -30.70 -0.05 -27.09
N GLY A 18 -31.14 -1.23 -26.64
CA GLY A 18 -30.25 -2.39 -26.57
C GLY A 18 -30.25 -3.14 -25.25
N ASP A 19 -30.64 -2.48 -24.16
CA ASP A 19 -30.58 -3.10 -22.84
C ASP A 19 -31.36 -4.42 -22.85
N PRO A 20 -30.89 -5.41 -22.07
CA PRO A 20 -31.75 -6.58 -21.83
C PRO A 20 -33.01 -6.17 -21.06
N SER A 21 -33.80 -7.17 -20.67
CA SER A 21 -35.10 -6.90 -20.05
C SER A 21 -35.07 -6.89 -18.52
N TYR A 22 -33.89 -6.67 -17.92
CA TYR A 22 -33.68 -6.71 -16.46
C TYR A 22 -32.61 -5.68 -16.09
N PRO A 23 -32.49 -5.31 -14.80
CA PRO A 23 -31.30 -4.55 -14.38
C PRO A 23 -30.05 -5.38 -14.60
N HIS A 24 -28.94 -4.71 -14.91
CA HIS A 24 -27.79 -5.42 -15.40
C HIS A 24 -26.55 -4.55 -15.27
N ILE A 25 -25.42 -5.20 -15.03
CA ILE A 25 -24.13 -4.59 -15.19
C ILE A 25 -23.66 -4.83 -16.62
N GLY A 26 -22.72 -4.03 -17.10
CA GLY A 26 -22.04 -4.34 -18.34
C GLY A 26 -20.89 -3.42 -18.64
N ILE A 27 -20.19 -3.74 -19.72
CA ILE A 27 -18.97 -3.04 -20.12
C ILE A 27 -19.29 -2.17 -21.34
N ASP A 28 -18.93 -0.88 -21.26
CA ASP A 28 -19.23 0.11 -22.30
C ASP A 28 -17.94 0.61 -22.92
N ILE A 29 -17.75 0.32 -24.21
CA ILE A 29 -16.57 0.77 -24.95
C ILE A 29 -16.99 1.75 -26.03
N LYS A 30 -16.84 3.06 -25.77
CA LYS A 30 -17.17 4.14 -26.71
C LYS A 30 -18.66 4.35 -27.01
N SER A 31 -19.53 3.49 -26.45
CA SER A 31 -20.96 3.44 -26.76
C SER A 31 -21.64 3.11 -25.46
N VAL A 32 -22.88 3.61 -25.31
CA VAL A 32 -23.78 3.20 -24.22
C VAL A 32 -24.33 1.78 -24.47
N ARG A 33 -24.34 1.33 -25.74
CA ARG A 33 -24.75 -0.05 -26.06
C ARG A 33 -23.66 -1.00 -25.58
N SER A 34 -23.91 -1.65 -24.47
CA SER A 34 -22.91 -2.46 -23.87
C SER A 34 -22.41 -3.57 -24.80
N LYS A 35 -21.11 -3.81 -24.77
CA LYS A 35 -20.53 -4.86 -25.57
C LYS A 35 -20.75 -6.19 -24.88
N LYS A 36 -21.01 -6.19 -23.58
CA LYS A 36 -21.41 -7.40 -22.85
C LYS A 36 -22.13 -7.02 -21.56
N THR A 37 -23.12 -7.81 -21.14
CA THR A 37 -23.87 -7.60 -19.89
C THR A 37 -24.16 -8.91 -19.13
N ALA A 38 -24.58 -8.74 -17.87
CA ALA A 38 -25.02 -9.83 -17.02
C ALA A 38 -26.22 -9.34 -16.22
N LYS A 39 -27.05 -10.27 -15.77
CA LYS A 39 -28.23 -9.95 -14.98
C LYS A 39 -27.77 -9.49 -13.62
N TRP A 40 -28.30 -8.36 -13.16
CA TRP A 40 -27.92 -7.81 -11.90
C TRP A 40 -29.13 -7.63 -11.01
N ASN A 41 -29.25 -8.48 -9.99
CA ASN A 41 -30.39 -8.45 -9.10
C ASN A 41 -30.24 -7.33 -8.08
N MET A 42 -30.50 -6.11 -8.57
CA MET A 42 -30.38 -4.89 -7.75
C MET A 42 -31.29 -4.97 -6.53
N GLN A 43 -30.82 -4.41 -5.41
CA GLN A 43 -31.52 -4.49 -4.12
C GLN A 43 -31.76 -3.12 -3.60
N ASN A 44 -33.00 -2.65 -3.74
CA ASN A 44 -33.38 -1.32 -3.30
C ASN A 44 -33.12 -1.04 -1.80
N GLY A 45 -32.51 0.12 -1.54
CA GLY A 45 -32.16 0.52 -0.22
C GLY A 45 -31.00 -0.23 0.38
N LYS A 46 -30.43 -1.22 -0.31
CA LYS A 46 -29.29 -1.98 0.24
C LYS A 46 -27.99 -1.39 -0.27
N VAL A 47 -27.03 -1.17 0.65
CA VAL A 47 -25.64 -0.78 0.31
C VAL A 47 -24.90 -1.93 -0.46
N GLY A 48 -24.39 -1.64 -1.65
CA GLY A 48 -23.66 -2.62 -2.48
C GLY A 48 -22.17 -2.33 -2.74
N THR A 49 -21.49 -3.33 -3.29
CA THR A 49 -20.05 -3.26 -3.50
C THR A 49 -19.73 -3.55 -4.96
N ALA A 50 -18.91 -2.70 -5.56
CA ALA A 50 -18.47 -2.85 -6.93
C ALA A 50 -16.95 -2.83 -6.96
N HIS A 51 -16.36 -3.78 -7.69
CA HIS A 51 -14.91 -3.90 -7.88
C HIS A 51 -14.70 -4.05 -9.37
N ILE A 52 -13.72 -3.35 -9.91
CA ILE A 52 -13.40 -3.36 -11.33
C ILE A 52 -11.90 -3.59 -11.48
N ILE A 53 -11.51 -4.50 -12.40
CA ILE A 53 -10.08 -4.81 -12.67
C ILE A 53 -9.73 -5.09 -14.14
N TYR A 54 -8.47 -4.78 -14.41
CA TYR A 54 -7.89 -4.74 -15.71
C TYR A 54 -6.36 -4.81 -15.50
N ASN A 55 -5.69 -5.60 -16.34
CA ASN A 55 -4.23 -5.56 -16.50
C ASN A 55 -3.85 -5.79 -17.95
N SER A 56 -2.69 -5.24 -18.35
CA SER A 56 -2.20 -5.28 -19.75
C SER A 56 -1.70 -6.64 -20.27
N VAL A 57 -1.77 -7.67 -19.43
CA VAL A 57 -1.37 -9.01 -19.80
C VAL A 57 -2.60 -9.69 -20.38
N ASP A 58 -3.63 -9.80 -19.56
CA ASP A 58 -4.85 -10.46 -19.99
C ASP A 58 -5.68 -9.52 -20.84
N LYS A 59 -5.45 -8.21 -20.65
CA LYS A 59 -6.30 -7.14 -21.15
C LYS A 59 -7.81 -7.47 -21.04
N ARG A 60 -8.24 -8.05 -19.92
CA ARG A 60 -9.64 -8.38 -19.69
C ARG A 60 -10.21 -7.29 -18.75
N LEU A 61 -11.16 -6.52 -19.22
CA LEU A 61 -11.82 -5.56 -18.38
C LEU A 61 -12.82 -6.40 -17.65
N SER A 62 -12.86 -6.33 -16.32
CA SER A 62 -13.77 -7.17 -15.55
C SER A 62 -14.30 -6.45 -14.35
N ALA A 63 -15.49 -6.85 -13.92
CA ALA A 63 -16.16 -6.23 -12.79
C ALA A 63 -17.14 -7.16 -12.08
N VAL A 64 -17.22 -6.97 -10.75
CA VAL A 64 -18.13 -7.67 -9.86
C VAL A 64 -18.96 -6.64 -9.15
N VAL A 65 -20.21 -7.02 -8.88
CA VAL A 65 -21.16 -6.23 -8.08
C VAL A 65 -21.88 -7.14 -7.10
N SER A 66 -21.84 -6.82 -5.83
CA SER A 66 -22.48 -7.67 -4.84
C SER A 66 -23.05 -6.94 -3.68
N TYR A 67 -23.94 -7.65 -3.01
CA TYR A 67 -24.50 -7.30 -1.71
C TYR A 67 -24.07 -8.39 -0.72
N PRO A 68 -23.91 -8.05 0.55
CA PRO A 68 -23.55 -9.11 1.50
C PRO A 68 -24.49 -10.32 1.46
N ASN A 69 -23.90 -11.51 1.67
CA ASN A 69 -24.62 -12.80 1.62
C ASN A 69 -25.61 -12.92 0.45
N ALA A 70 -25.17 -12.56 -0.75
CA ALA A 70 -25.91 -12.83 -1.97
C ALA A 70 -24.97 -13.14 -3.13
N ASP A 71 -25.53 -13.77 -4.17
CA ASP A 71 -24.77 -14.10 -5.40
C ASP A 71 -24.39 -12.79 -6.09
N SER A 72 -23.11 -12.67 -6.44
CA SER A 72 -22.60 -11.52 -7.19
C SER A 72 -23.10 -11.54 -8.62
N ALA A 73 -22.98 -10.40 -9.28
CA ALA A 73 -23.05 -10.33 -10.74
C ALA A 73 -21.67 -10.01 -11.29
N THR A 74 -21.36 -10.62 -12.42
CA THR A 74 -20.02 -10.68 -12.95
C THR A 74 -20.15 -10.38 -14.42
N VAL A 75 -19.25 -9.57 -14.94
CA VAL A 75 -19.18 -9.29 -16.37
C VAL A 75 -17.72 -9.01 -16.72
N SER A 76 -17.34 -9.40 -17.92
CA SER A 76 -15.96 -9.27 -18.41
C SER A 76 -15.94 -9.26 -19.93
N TYR A 77 -14.93 -8.58 -20.47
CA TYR A 77 -14.81 -8.34 -21.91
C TYR A 77 -13.35 -8.05 -22.26
N ASP A 78 -12.87 -8.59 -23.37
CA ASP A 78 -11.48 -8.38 -23.78
C ASP A 78 -11.30 -7.04 -24.50
N VAL A 79 -10.38 -6.23 -23.96
CA VAL A 79 -10.06 -4.88 -24.44
C VAL A 79 -8.58 -4.58 -24.27
N ASP A 80 -7.93 -4.15 -25.34
CA ASP A 80 -6.64 -3.50 -25.22
C ASP A 80 -6.97 -2.03 -25.05
N LEU A 81 -7.02 -1.58 -23.80
CA LEU A 81 -7.36 -0.20 -23.46
C LEU A 81 -6.37 0.83 -23.97
N ASP A 82 -5.10 0.40 -24.10
CA ASP A 82 -4.04 1.19 -24.75
C ASP A 82 -4.26 1.51 -26.23
N ASN A 83 -5.04 0.66 -26.87
CA ASN A 83 -5.45 0.84 -28.24
C ASN A 83 -6.64 1.82 -28.35
N VAL A 84 -7.47 1.88 -27.31
CA VAL A 84 -8.76 2.56 -27.36
C VAL A 84 -8.66 3.94 -26.72
N LEU A 85 -8.16 4.00 -25.51
CA LEU A 85 -8.06 5.25 -24.77
C LEU A 85 -6.75 5.96 -25.12
N PRO A 86 -6.58 7.21 -24.64
CA PRO A 86 -5.27 7.93 -24.66
C PRO A 86 -4.30 7.59 -23.51
N GLU A 87 -3.05 8.01 -23.69
CA GLU A 87 -2.01 7.75 -22.70
C GLU A 87 -2.45 8.23 -21.31
N TRP A 88 -2.96 9.46 -21.22
CA TRP A 88 -3.45 9.98 -19.95
C TRP A 88 -4.95 10.06 -19.97
N VAL A 89 -5.53 9.67 -18.83
CA VAL A 89 -6.95 9.70 -18.59
C VAL A 89 -7.29 10.34 -17.23
N ARG A 90 -8.59 10.57 -17.02
CA ARG A 90 -9.08 10.75 -15.65
C ARG A 90 -10.01 9.60 -15.32
N VAL A 91 -10.10 9.30 -14.03
CA VAL A 91 -10.97 8.24 -13.55
C VAL A 91 -12.12 8.82 -12.80
N GLY A 92 -13.30 8.20 -12.91
CA GLY A 92 -14.47 8.74 -12.23
C GLY A 92 -15.67 7.85 -12.12
N LEU A 93 -16.67 8.38 -11.39
CA LEU A 93 -18.00 7.77 -11.22
C LEU A 93 -19.00 8.71 -11.86
N SER A 94 -20.02 8.16 -12.51
CA SER A 94 -21.12 8.98 -13.06
C SER A 94 -22.46 8.37 -12.67
N ALA A 95 -23.53 9.16 -12.77
CA ALA A 95 -24.90 8.64 -12.55
C ALA A 95 -25.90 9.61 -13.11
N SER A 96 -27.15 9.17 -13.20
CA SER A 96 -28.25 9.90 -13.84
C SER A 96 -29.65 9.34 -13.45
N THR A 97 -30.69 10.20 -13.57
CA THR A 97 -32.12 9.84 -13.51
C THR A 97 -32.92 10.46 -14.70
N GLY A 98 -34.15 10.02 -14.91
CA GLY A 98 -34.95 10.39 -16.11
C GLY A 98 -36.37 10.65 -15.67
N LEU A 99 -37.33 10.03 -16.36
CA LEU A 99 -38.71 9.92 -15.86
C LEU A 99 -38.71 9.15 -14.50
N TYR A 100 -37.90 8.11 -14.43
CA TYR A 100 -37.71 7.38 -13.20
C TYR A 100 -36.42 7.77 -12.53
N LYS A 101 -36.34 7.43 -11.25
CA LYS A 101 -35.29 7.97 -10.38
C LYS A 101 -34.93 7.14 -9.13
N GLU A 102 -33.75 7.42 -8.61
CA GLU A 102 -33.18 6.72 -7.47
C GLU A 102 -32.16 7.64 -6.87
N THR A 103 -31.74 7.33 -5.66
CA THR A 103 -30.54 7.99 -5.13
C THR A 103 -29.37 7.31 -5.79
N ASN A 104 -28.37 8.08 -6.18
CA ASN A 104 -27.14 7.51 -6.70
C ASN A 104 -26.00 7.90 -5.74
N THR A 105 -25.87 7.09 -4.69
CA THR A 105 -25.17 7.51 -3.46
C THR A 105 -23.90 6.75 -3.16
N ILE A 106 -22.77 7.46 -3.14
CA ILE A 106 -21.44 6.85 -3.06
C ILE A 106 -20.89 7.05 -1.64
N LEU A 107 -20.66 5.91 -0.98
CA LEU A 107 -20.23 5.88 0.41
C LEU A 107 -18.72 5.69 0.50
N SER A 108 -18.13 5.09 -0.53
CA SER A 108 -16.68 5.01 -0.63
C SER A 108 -16.26 4.75 -2.05
N TRP A 109 -15.03 5.08 -2.33
CA TRP A 109 -14.50 4.92 -3.67
C TRP A 109 -12.99 4.78 -3.49
N SER A 110 -12.40 3.77 -4.12
CA SER A 110 -10.93 3.69 -4.14
C SER A 110 -10.42 3.25 -5.50
N PHE A 111 -9.17 3.62 -5.76
CA PHE A 111 -8.50 3.36 -7.03
C PHE A 111 -7.00 3.07 -6.80
N THR A 112 -6.41 2.22 -7.62
CA THR A 112 -4.99 1.92 -7.54
C THR A 112 -4.52 1.65 -8.95
N SER A 113 -3.63 2.48 -9.49
CA SER A 113 -3.07 2.28 -10.84
C SER A 113 -1.58 2.00 -10.73
N LYS A 114 -1.11 0.93 -11.38
CA LYS A 114 0.30 0.56 -11.39
C LYS A 114 0.75 0.47 -12.85
N LEU A 115 1.88 1.09 -13.16
CA LEU A 115 2.51 0.93 -14.47
C LEU A 115 3.97 0.45 -14.29
N LYS A 116 4.34 -0.61 -15.03
CA LYS A 116 5.71 -1.14 -14.99
C LYS A 116 6.34 -1.13 -16.38
N SER A 117 7.11 -0.06 -16.64
CA SER A 117 8.24 -0.13 -17.54
C SER A 117 9.19 -1.22 -16.98
N GLU A 122 11.43 1.55 -12.77
CA GLU A 122 10.49 0.71 -13.48
C GLU A 122 9.02 1.09 -13.20
N THR A 123 8.63 1.14 -11.91
CA THR A 123 7.21 1.29 -11.55
C THR A 123 6.78 2.68 -11.12
N ASN A 124 5.74 3.21 -11.79
CA ASN A 124 4.97 4.37 -11.33
C ASN A 124 3.62 3.96 -10.70
N ALA A 125 3.18 4.67 -9.67
CA ALA A 125 1.92 4.30 -9.02
C ALA A 125 1.06 5.46 -8.50
N LEU A 126 -0.26 5.24 -8.50
CA LEU A 126 -1.21 6.15 -7.87
C LEU A 126 -2.26 5.36 -7.12
N HIS A 127 -2.62 5.87 -5.96
CA HIS A 127 -3.66 5.27 -5.15
C HIS A 127 -4.35 6.37 -4.42
N PHE A 128 -5.66 6.26 -4.32
CA PHE A 128 -6.39 7.18 -3.47
C PHE A 128 -7.58 6.43 -2.87
N MET A 129 -8.01 6.87 -1.69
CA MET A 129 -9.08 6.20 -0.99
C MET A 129 -10.04 7.20 -0.35
N PHE A 130 -11.33 7.08 -0.68
CA PHE A 130 -12.37 7.90 -0.07
C PHE A 130 -13.29 6.98 0.73
N ASN A 131 -13.18 7.02 2.06
CA ASN A 131 -14.19 6.39 2.95
C ASN A 131 -15.27 7.38 3.41
N GLN A 132 -14.92 8.67 3.40
CA GLN A 132 -15.89 9.74 3.51
C GLN A 132 -15.53 10.87 2.54
N PHE A 133 -16.51 11.74 2.32
CA PHE A 133 -16.43 12.89 1.43
C PHE A 133 -16.85 14.13 2.25
N SER A 134 -16.20 15.28 2.04
CA SER A 134 -16.59 16.51 2.72
C SER A 134 -17.17 17.51 1.72
N LYS A 135 -17.79 18.57 2.26
CA LYS A 135 -18.48 19.57 1.43
C LYS A 135 -17.53 20.21 0.41
N ASP A 136 -16.34 20.57 0.85
CA ASP A 136 -15.36 21.10 -0.08
C ASP A 136 -14.25 20.05 -0.30
N GLN A 137 -14.57 19.07 -1.14
CA GLN A 137 -13.70 17.91 -1.35
C GLN A 137 -12.84 18.21 -2.58
N LYS A 138 -11.79 19.02 -2.35
CA LYS A 138 -11.01 19.69 -3.43
C LYS A 138 -10.23 18.82 -4.46
N ASP A 139 -9.95 17.58 -4.07
CA ASP A 139 -9.35 16.57 -4.98
C ASP A 139 -10.37 15.80 -5.90
N LEU A 140 -11.64 16.24 -5.92
CA LEU A 140 -12.62 15.73 -6.89
C LEU A 140 -13.08 16.88 -7.75
N ILE A 141 -13.23 16.63 -9.04
CA ILE A 141 -13.82 17.56 -9.99
C ILE A 141 -15.24 17.05 -10.02
N LEU A 142 -16.15 17.85 -9.43
CA LEU A 142 -17.60 17.56 -9.40
C LEU A 142 -18.31 18.27 -10.56
N GLN A 143 -19.07 17.51 -11.36
CA GLN A 143 -19.78 18.06 -12.52
C GLN A 143 -21.26 17.73 -12.49
N GLY A 144 -22.06 18.58 -13.12
CA GLY A 144 -23.51 18.47 -13.06
C GLY A 144 -24.07 18.68 -11.66
N ASP A 145 -24.81 17.67 -11.20
CA ASP A 145 -25.56 17.73 -9.96
C ASP A 145 -24.87 17.14 -8.72
N ALA A 146 -23.71 16.51 -8.95
CA ALA A 146 -22.84 15.97 -7.89
C ALA A 146 -22.55 16.91 -6.72
N THR A 147 -22.90 16.51 -5.50
CA THR A 147 -22.40 17.22 -4.29
C THR A 147 -21.74 16.24 -3.39
N THR A 148 -21.08 16.82 -2.39
CA THR A 148 -20.39 16.13 -1.32
C THR A 148 -20.77 16.83 -0.03
N GLY A 149 -20.54 16.17 1.09
CA GLY A 149 -20.90 16.72 2.40
C GLY A 149 -22.07 16.02 3.06
N THR A 150 -23.08 15.65 2.29
CA THR A 150 -24.36 15.20 2.84
C THR A 150 -24.55 13.69 2.69
N ASP A 151 -24.31 12.88 3.72
CA ASP A 151 -23.65 13.24 4.95
C ASP A 151 -23.00 11.93 5.41
N GLY A 152 -21.67 11.77 5.39
CA GLY A 152 -20.71 12.55 4.62
C GLY A 152 -20.36 11.72 3.39
N ASN A 153 -21.26 11.78 2.40
CA ASN A 153 -21.17 11.00 1.17
C ASN A 153 -21.06 11.87 -0.09
N LEU A 154 -20.71 11.19 -1.17
CA LEU A 154 -20.72 11.72 -2.52
C LEU A 154 -22.07 11.32 -3.09
N GLU A 155 -22.85 12.30 -3.56
CA GLU A 155 -24.19 12.10 -4.17
C GLU A 155 -24.13 12.54 -5.62
N LEU A 156 -24.37 11.62 -6.53
CA LEU A 156 -24.16 11.96 -7.92
C LEU A 156 -25.36 12.74 -8.49
N THR A 157 -26.57 12.35 -8.15
CA THR A 157 -27.73 13.04 -8.64
C THR A 157 -28.43 13.76 -7.50
N ARG A 158 -29.37 14.64 -7.91
CA ARG A 158 -30.16 15.47 -7.01
C ARG A 158 -31.06 14.62 -6.09
N VAL A 159 -31.04 15.03 -4.82
CA VAL A 159 -31.73 14.40 -3.72
C VAL A 159 -32.13 15.51 -2.73
N SER A 160 -33.37 15.49 -2.25
CA SER A 160 -33.91 16.55 -1.40
C SER A 160 -33.26 16.57 -0.03
N SER A 161 -33.54 17.61 0.75
CA SER A 161 -32.96 17.75 2.09
C SER A 161 -33.35 16.61 3.06
N ASN A 162 -34.41 15.89 2.72
CA ASN A 162 -34.85 14.70 3.46
C ASN A 162 -34.44 13.36 2.84
N GLY A 163 -33.57 13.39 1.82
CA GLY A 163 -33.12 12.18 1.14
C GLY A 163 -33.90 11.68 -0.07
N SER A 164 -34.91 12.39 -0.56
CA SER A 164 -35.74 11.92 -1.70
C SER A 164 -35.15 12.24 -3.11
N PRO A 165 -34.81 11.20 -3.91
CA PRO A 165 -34.16 11.44 -5.23
C PRO A 165 -35.07 12.12 -6.27
N GLN A 166 -34.48 12.93 -7.14
CA GLN A 166 -35.23 13.65 -8.17
C GLN A 166 -34.87 13.10 -9.56
N GLY A 167 -35.90 12.99 -10.41
CA GLY A 167 -35.75 12.58 -11.80
C GLY A 167 -35.05 13.66 -12.61
N SER A 168 -34.85 13.39 -13.89
CA SER A 168 -34.01 14.22 -14.81
C SER A 168 -32.85 14.89 -14.11
N SER A 169 -31.95 14.07 -13.58
CA SER A 169 -30.70 14.52 -12.92
C SER A 169 -29.49 13.82 -13.54
N VAL A 170 -28.30 14.47 -13.56
CA VAL A 170 -26.99 13.86 -13.96
C VAL A 170 -25.82 14.53 -13.20
N GLY A 171 -24.90 13.71 -12.66
CA GLY A 171 -23.67 14.24 -12.07
C GLY A 171 -22.52 13.25 -12.19
N ARG A 172 -21.27 13.75 -12.06
CA ARG A 172 -20.05 12.93 -12.16
C ARG A 172 -19.08 13.40 -11.10
N ALA A 173 -18.21 12.49 -10.67
CA ALA A 173 -17.07 12.77 -9.76
C ALA A 173 -15.77 12.23 -10.32
N LEU A 174 -14.88 13.14 -10.69
CA LEU A 174 -13.59 12.74 -11.25
C LEU A 174 -12.45 13.07 -10.27
N PHE A 175 -11.55 12.14 -10.03
CA PHE A 175 -10.44 12.42 -9.13
C PHE A 175 -9.54 13.35 -9.90
N TYR A 176 -8.89 14.21 -9.16
CA TYR A 176 -8.44 15.48 -9.72
C TYR A 176 -7.28 15.34 -10.66
N ALA A 177 -6.37 14.43 -10.29
CA ALA A 177 -5.14 14.20 -11.04
C ALA A 177 -5.39 13.24 -12.18
N PRO A 178 -4.82 13.51 -13.36
CA PRO A 178 -4.85 12.53 -14.40
C PRO A 178 -4.00 11.32 -14.05
N VAL A 179 -4.32 10.19 -14.71
CA VAL A 179 -3.72 8.89 -14.41
C VAL A 179 -3.02 8.36 -15.64
N HIS A 180 -1.77 7.94 -15.48
CA HIS A 180 -1.08 7.26 -16.58
C HIS A 180 -1.50 5.84 -16.47
N ILE A 181 -2.21 5.38 -17.49
CA ILE A 181 -2.91 4.08 -17.43
C ILE A 181 -2.47 3.08 -18.53
N TRP A 182 -1.65 3.54 -19.47
CA TRP A 182 -0.78 2.66 -20.23
C TRP A 182 0.43 3.42 -20.73
N GLU A 183 1.55 2.72 -20.87
CA GLU A 183 2.72 3.26 -21.53
C GLU A 183 3.12 2.26 -22.59
N SER A 184 3.67 2.77 -23.68
CA SER A 184 4.14 1.92 -24.76
C SER A 184 5.24 0.96 -24.27
N VAL A 188 4.44 -4.59 -17.58
CA VAL A 188 3.07 -4.81 -17.13
C VAL A 188 2.42 -3.54 -16.60
N ALA A 189 1.10 -3.37 -16.83
CA ALA A 189 0.28 -2.31 -16.16
C ALA A 189 -1.06 -2.85 -15.58
N SER A 190 -1.61 -2.15 -14.59
CA SER A 190 -2.86 -2.59 -13.96
C SER A 190 -3.58 -1.49 -13.17
N PHE A 191 -4.89 -1.62 -13.02
CA PHE A 191 -5.68 -0.75 -12.16
C PHE A 191 -6.77 -1.57 -11.46
N GLU A 192 -7.05 -1.25 -10.18
CA GLU A 192 -8.25 -1.74 -9.46
C GLU A 192 -9.10 -0.57 -8.95
N ALA A 193 -10.40 -0.64 -9.21
CA ALA A 193 -11.33 0.35 -8.74
C ALA A 193 -12.37 -0.34 -7.90
N THR A 194 -12.73 0.29 -6.81
CA THR A 194 -13.64 -0.27 -5.83
C THR A 194 -14.56 0.84 -5.41
N PHE A 195 -15.85 0.55 -5.26
CA PHE A 195 -16.75 1.53 -4.60
C PHE A 195 -17.92 0.87 -3.90
N THR A 196 -18.48 1.58 -2.93
CA THR A 196 -19.78 1.21 -2.34
C THR A 196 -20.87 2.28 -2.60
N PHE A 197 -22.04 1.79 -3.04
CA PHE A 197 -23.16 2.61 -3.50
C PHE A 197 -24.45 2.26 -2.76
N LEU A 198 -25.43 3.18 -2.73
CA LEU A 198 -26.72 2.99 -2.06
C LEU A 198 -27.83 3.54 -2.91
N ILE A 199 -28.45 2.67 -3.66
CA ILE A 199 -29.50 3.08 -4.54
C ILE A 199 -30.77 2.87 -3.76
N LYS A 200 -31.52 3.96 -3.67
CA LYS A 200 -32.72 4.01 -2.88
C LYS A 200 -33.75 4.71 -3.76
N SER A 201 -34.90 4.07 -3.93
CA SER A 201 -36.00 4.66 -4.71
C SER A 201 -37.39 4.38 -4.11
N PRO A 202 -38.33 5.35 -4.22
CA PRO A 202 -39.75 5.10 -3.91
C PRO A 202 -40.51 4.59 -5.13
N ASP A 203 -39.94 4.78 -6.32
CA ASP A 203 -40.56 4.37 -7.56
C ASP A 203 -40.57 2.87 -7.64
N SER A 204 -41.58 2.34 -8.31
CA SER A 204 -41.67 0.91 -8.55
C SER A 204 -40.52 0.46 -9.45
N HIS A 205 -40.21 1.30 -10.43
CA HIS A 205 -39.02 1.14 -11.27
C HIS A 205 -38.03 2.26 -10.91
N PRO A 206 -36.83 1.92 -10.41
CA PRO A 206 -35.79 2.92 -10.23
C PRO A 206 -34.97 3.04 -11.50
N ALA A 207 -34.22 4.13 -11.60
CA ALA A 207 -33.49 4.47 -12.84
C ALA A 207 -32.48 5.55 -12.49
N ASP A 208 -31.42 5.77 -13.29
CA ASP A 208 -31.04 4.96 -14.43
C ASP A 208 -29.79 4.09 -14.18
N GLY A 209 -29.08 4.30 -13.08
CA GLY A 209 -27.89 3.52 -12.78
C GLY A 209 -26.67 4.38 -12.50
N ILE A 210 -25.63 3.75 -11.96
CA ILE A 210 -24.35 4.38 -11.64
C ILE A 210 -23.32 3.86 -12.65
N ALA A 211 -22.19 4.51 -12.79
CA ALA A 211 -21.10 3.95 -13.60
C ALA A 211 -19.73 4.40 -13.11
N PHE A 212 -18.74 3.51 -13.27
CA PHE A 212 -17.32 3.87 -13.10
C PHE A 212 -16.78 4.07 -14.49
N PHE A 213 -16.11 5.18 -14.72
CA PHE A 213 -15.59 5.47 -16.05
C PHE A 213 -14.20 6.06 -16.06
N ILE A 214 -13.56 5.91 -17.20
CA ILE A 214 -12.19 6.40 -17.51
C ILE A 214 -12.34 7.14 -18.85
N SER A 215 -11.84 8.36 -18.95
CA SER A 215 -12.13 9.25 -20.08
C SER A 215 -10.91 9.99 -20.52
N ASN A 216 -11.02 10.72 -21.62
CA ASN A 216 -10.11 11.83 -21.89
C ASN A 216 -10.01 12.80 -20.67
N ILE A 217 -8.79 13.17 -20.36
CA ILE A 217 -8.55 14.14 -19.28
C ILE A 217 -9.64 15.21 -19.16
N ASP A 218 -9.98 15.87 -20.27
CA ASP A 218 -10.90 17.01 -20.26
C ASP A 218 -12.35 16.60 -20.60
N SER A 219 -12.78 15.41 -20.15
CA SER A 219 -14.18 14.99 -20.33
C SER A 219 -15.13 15.78 -19.43
N SER A 220 -16.38 15.92 -19.87
CA SER A 220 -17.41 16.66 -19.15
C SER A 220 -18.70 15.97 -19.44
N ILE A 221 -19.73 16.20 -18.64
CA ILE A 221 -21.03 15.60 -18.93
C ILE A 221 -21.43 16.18 -20.29
N PRO A 222 -21.82 15.31 -21.27
CA PRO A 222 -22.51 15.77 -22.49
C PRO A 222 -23.87 16.39 -22.25
N SER A 223 -24.17 17.44 -23.01
CA SER A 223 -25.54 18.01 -23.06
C SER A 223 -26.63 16.95 -23.19
N GLY A 224 -27.68 17.07 -22.37
CA GLY A 224 -28.82 16.16 -22.40
C GLY A 224 -28.58 14.67 -22.09
N SER A 225 -27.49 14.35 -21.39
CA SER A 225 -27.14 12.94 -21.11
C SER A 225 -27.79 12.36 -19.84
N THR A 226 -28.82 13.01 -19.30
CA THR A 226 -29.59 12.45 -18.20
C THR A 226 -30.22 11.11 -18.62
N GLY A 227 -30.92 10.47 -17.67
CA GLY A 227 -31.67 9.29 -17.98
C GLY A 227 -30.77 8.17 -18.50
N ARG A 228 -31.15 7.62 -19.65
CA ARG A 228 -30.58 6.36 -20.18
C ARG A 228 -29.14 6.41 -20.65
N LEU A 229 -28.59 7.62 -20.81
CA LEU A 229 -27.22 7.86 -21.28
C LEU A 229 -26.16 8.08 -20.14
N LEU A 230 -26.62 8.02 -18.87
CA LEU A 230 -25.80 7.80 -17.65
C LEU A 230 -24.75 8.85 -17.34
N GLY A 231 -24.87 10.00 -18.01
CA GLY A 231 -23.87 11.06 -17.96
C GLY A 231 -22.62 10.76 -18.75
N LEU A 232 -22.65 9.73 -19.57
CA LEU A 232 -21.41 9.33 -20.21
C LEU A 232 -21.33 9.66 -21.73
N PHE A 233 -22.47 9.73 -22.43
CA PHE A 233 -22.51 9.53 -23.92
C PHE A 233 -23.31 10.62 -24.63
N PRO A 234 -22.84 11.09 -25.82
CA PRO A 234 -23.58 12.14 -26.53
C PRO A 234 -24.94 11.67 -27.01
N ASP A 235 -25.08 10.35 -27.21
CA ASP A 235 -26.19 9.82 -27.94
C ASP A 235 -26.27 8.32 -27.70
N ALA A 236 -27.43 7.76 -28.05
CA ALA A 236 -27.68 6.30 -27.91
C ALA A 236 -26.95 5.43 -28.95
N ASN A 237 -26.08 6.03 -29.73
CA ASN A 237 -25.31 5.30 -30.70
C ASN A 237 -24.31 4.42 -29.96
N ALA B 1 1.68 -36.26 -0.35
CA ALA B 1 2.33 -35.60 -1.54
C ALA B 1 1.81 -34.16 -1.77
N ASP B 2 2.73 -33.21 -1.79
CA ASP B 2 2.41 -31.79 -1.90
C ASP B 2 1.55 -31.46 -3.14
N THR B 3 0.63 -30.52 -2.97
CA THR B 3 -0.13 -29.92 -4.07
C THR B 3 0.58 -28.65 -4.52
N ILE B 4 1.14 -28.68 -5.72
CA ILE B 4 1.90 -27.56 -6.28
C ILE B 4 1.19 -26.85 -7.42
N VAL B 5 0.96 -25.55 -7.24
CA VAL B 5 0.81 -24.57 -8.38
C VAL B 5 2.09 -23.72 -8.62
N ALA B 6 2.50 -23.59 -9.86
CA ALA B 6 3.77 -22.90 -10.12
C ALA B 6 3.81 -22.22 -11.45
N VAL B 7 4.50 -21.08 -11.47
CA VAL B 7 5.03 -20.47 -12.69
C VAL B 7 6.54 -20.73 -12.80
N GLU B 8 6.94 -21.31 -13.93
CA GLU B 8 8.28 -21.85 -14.13
C GLU B 8 9.05 -21.03 -15.15
N LEU B 9 10.34 -20.90 -14.91
CA LEU B 9 11.22 -20.12 -15.78
C LEU B 9 12.24 -21.15 -16.13
N ASP B 10 11.92 -21.91 -17.16
CA ASP B 10 12.62 -23.14 -17.54
C ASP B 10 13.76 -22.88 -18.53
N THR B 11 15.01 -22.97 -18.08
CA THR B 11 16.16 -22.68 -18.93
C THR B 11 16.59 -23.85 -19.76
N TYR B 12 16.42 -25.06 -19.23
CA TYR B 12 16.88 -26.27 -19.89
C TYR B 12 15.73 -27.06 -20.49
N PRO B 13 15.63 -27.14 -21.83
CA PRO B 13 14.61 -28.02 -22.42
C PRO B 13 14.85 -29.52 -22.16
N ASN B 14 13.99 -30.11 -21.35
CA ASN B 14 13.93 -31.56 -21.11
C ASN B 14 12.80 -32.13 -21.98
N THR B 15 13.07 -32.29 -23.28
CA THR B 15 12.02 -32.66 -24.23
C THR B 15 11.61 -34.13 -24.12
N ASP B 16 12.41 -34.94 -23.43
CA ASP B 16 12.02 -36.32 -23.09
C ASP B 16 10.83 -36.41 -22.13
N ILE B 17 10.53 -35.31 -21.41
CA ILE B 17 9.38 -35.25 -20.49
C ILE B 17 8.34 -34.13 -20.78
N GLY B 18 8.41 -33.51 -21.98
CA GLY B 18 7.31 -32.66 -22.49
C GLY B 18 7.71 -31.26 -22.95
N ASP B 19 8.86 -30.79 -22.49
CA ASP B 19 9.27 -29.45 -22.80
C ASP B 19 9.33 -29.24 -24.30
N PRO B 20 9.03 -28.01 -24.74
CA PRO B 20 9.40 -27.60 -26.07
C PRO B 20 10.90 -27.45 -26.14
N SER B 21 11.40 -27.33 -27.35
CA SER B 21 12.83 -27.41 -27.60
C SER B 21 13.62 -26.08 -27.43
N TYR B 22 13.12 -25.15 -26.59
CA TYR B 22 13.75 -23.82 -26.35
C TYR B 22 13.59 -23.55 -24.86
N PRO B 23 14.33 -22.56 -24.30
CA PRO B 23 13.97 -21.98 -23.01
C PRO B 23 12.57 -21.37 -23.04
N HIS B 24 11.76 -21.62 -22.02
CA HIS B 24 10.35 -21.21 -22.02
C HIS B 24 9.86 -20.88 -20.65
N ILE B 25 8.78 -20.12 -20.59
CA ILE B 25 7.99 -20.02 -19.39
C ILE B 25 6.85 -20.97 -19.51
N GLY B 26 6.25 -21.29 -18.38
CA GLY B 26 5.02 -22.05 -18.35
C GLY B 26 4.29 -22.02 -17.05
N ILE B 27 3.06 -22.53 -17.09
CA ILE B 27 2.19 -22.70 -15.91
C ILE B 27 2.12 -24.19 -15.57
N ASP B 28 2.33 -24.48 -14.28
CA ASP B 28 2.39 -25.85 -13.74
C ASP B 28 1.28 -26.09 -12.75
N ILE B 29 0.31 -26.91 -13.15
CA ILE B 29 -0.78 -27.28 -12.26
C ILE B 29 -0.68 -28.75 -11.85
N LYS B 30 -0.07 -28.98 -10.68
CA LYS B 30 0.07 -30.32 -10.07
C LYS B 30 1.06 -31.24 -10.75
N SER B 31 1.75 -30.75 -11.78
CA SER B 31 2.61 -31.57 -12.64
C SER B 31 3.75 -30.73 -13.11
N VAL B 32 4.92 -31.33 -13.29
CA VAL B 32 6.04 -30.64 -13.93
C VAL B 32 5.80 -30.46 -15.44
N ARG B 33 4.94 -31.28 -16.06
CA ARG B 33 4.55 -31.13 -17.46
C ARG B 33 3.57 -29.96 -17.60
N SER B 34 4.08 -28.83 -18.09
CA SER B 34 3.29 -27.60 -18.08
C SER B 34 2.01 -27.74 -18.84
N LYS B 35 0.95 -27.14 -18.29
CA LYS B 35 -0.32 -27.06 -19.00
C LYS B 35 -0.25 -26.12 -20.18
N LYS B 36 0.72 -25.21 -20.19
CA LYS B 36 0.89 -24.25 -21.29
C LYS B 36 2.23 -23.56 -21.10
N THR B 37 2.84 -23.11 -22.18
CA THR B 37 4.17 -22.52 -22.17
C THR B 37 4.37 -21.49 -23.32
N ALA B 38 5.48 -20.75 -23.26
CA ALA B 38 5.87 -19.82 -24.31
C ALA B 38 7.38 -19.66 -24.36
N LYS B 39 7.87 -19.00 -25.38
CA LYS B 39 9.28 -18.93 -25.66
C LYS B 39 9.90 -17.79 -24.88
N TRP B 40 10.90 -18.15 -24.09
CA TRP B 40 11.50 -17.26 -23.16
C TRP B 40 12.95 -17.14 -23.52
N ASN B 41 13.24 -16.23 -24.45
CA ASN B 41 14.62 -15.93 -24.82
C ASN B 41 15.42 -15.46 -23.62
N MET B 42 15.85 -16.43 -22.82
CA MET B 42 16.62 -16.15 -21.62
C MET B 42 17.94 -15.46 -22.03
N GLN B 43 18.39 -14.52 -21.20
CA GLN B 43 19.58 -13.69 -21.45
C GLN B 43 20.57 -13.92 -20.33
N ASN B 44 21.70 -14.55 -20.67
CA ASN B 44 22.72 -14.96 -19.70
C ASN B 44 23.51 -13.79 -19.06
N GLY B 45 23.58 -13.83 -17.73
CA GLY B 45 24.17 -12.77 -16.98
C GLY B 45 23.35 -11.50 -16.99
N LYS B 46 22.12 -11.50 -17.48
CA LYS B 46 21.29 -10.27 -17.42
C LYS B 46 20.29 -10.35 -16.27
N VAL B 47 20.17 -9.28 -15.48
CA VAL B 47 19.14 -9.18 -14.47
C VAL B 47 17.80 -8.96 -15.17
N GLY B 48 16.85 -9.85 -14.90
CA GLY B 48 15.47 -9.78 -15.45
C GLY B 48 14.36 -9.68 -14.39
N THR B 49 13.14 -9.37 -14.84
CA THR B 49 11.97 -9.27 -13.94
C THR B 49 10.92 -10.26 -14.33
N ALA B 50 10.20 -10.73 -13.32
CA ALA B 50 9.08 -11.61 -13.44
C ALA B 50 7.96 -11.02 -12.61
N HIS B 51 6.71 -11.17 -13.09
CA HIS B 51 5.49 -10.66 -12.46
C HIS B 51 4.46 -11.74 -12.66
N ILE B 52 3.83 -12.23 -11.60
CA ILE B 52 2.77 -13.22 -11.75
C ILE B 52 1.52 -12.59 -11.18
N ILE B 53 0.37 -12.90 -11.81
CA ILE B 53 -0.96 -12.36 -11.43
C ILE B 53 -2.13 -13.37 -11.61
N TYR B 54 -3.13 -13.21 -10.73
CA TYR B 54 -4.30 -14.07 -10.64
C TYR B 54 -5.45 -13.35 -9.90
N ASN B 55 -6.70 -13.61 -10.33
CA ASN B 55 -7.91 -13.21 -9.58
C ASN B 55 -9.06 -14.16 -9.78
N SER B 56 -9.94 -14.20 -8.78
CA SER B 56 -11.08 -15.11 -8.71
C SER B 56 -12.27 -14.72 -9.59
N VAL B 57 -12.18 -13.58 -10.29
CA VAL B 57 -13.18 -13.15 -11.27
C VAL B 57 -12.92 -13.84 -12.61
N ASP B 58 -11.71 -13.61 -13.13
CA ASP B 58 -11.27 -14.17 -14.40
C ASP B 58 -10.65 -15.56 -14.22
N LYS B 59 -10.23 -15.90 -13.00
CA LYS B 59 -9.51 -17.15 -12.73
C LYS B 59 -8.45 -17.49 -13.80
N ARG B 60 -7.75 -16.49 -14.34
CA ARG B 60 -6.74 -16.71 -15.36
C ARG B 60 -5.38 -16.43 -14.66
N LEU B 61 -4.59 -17.47 -14.43
CA LEU B 61 -3.26 -17.31 -13.86
C LEU B 61 -2.35 -16.89 -14.98
N SER B 62 -1.61 -15.79 -14.80
CA SER B 62 -0.83 -15.17 -15.85
C SER B 62 0.55 -14.73 -15.34
N ALA B 63 1.52 -14.61 -16.24
CA ALA B 63 2.88 -14.29 -15.88
C ALA B 63 3.61 -13.68 -17.06
N VAL B 64 4.42 -12.68 -16.75
CA VAL B 64 5.29 -12.00 -17.71
C VAL B 64 6.72 -12.18 -17.25
N VAL B 65 7.69 -12.21 -18.18
CA VAL B 65 9.12 -12.35 -17.87
C VAL B 65 9.92 -11.46 -18.78
N SER B 66 10.72 -10.55 -18.24
CA SER B 66 11.35 -9.56 -19.12
C SER B 66 12.66 -8.96 -18.65
N TYR B 67 13.47 -8.63 -19.65
CA TYR B 67 14.72 -7.91 -19.51
C TYR B 67 14.49 -6.47 -20.01
N PRO B 68 15.10 -5.46 -19.34
CA PRO B 68 14.99 -4.08 -19.86
C PRO B 68 15.13 -3.93 -21.40
N ASN B 69 14.40 -2.93 -21.93
CA ASN B 69 14.25 -2.69 -23.36
C ASN B 69 14.46 -3.97 -24.16
N ALA B 70 13.54 -4.91 -23.93
CA ALA B 70 13.41 -6.11 -24.75
C ALA B 70 11.97 -6.67 -24.69
N ASP B 71 11.62 -7.54 -25.63
CA ASP B 71 10.29 -8.18 -25.65
C ASP B 71 10.17 -9.19 -24.48
N SER B 72 9.06 -9.08 -23.75
CA SER B 72 8.75 -9.98 -22.65
C SER B 72 8.15 -11.26 -23.24
N ALA B 73 8.23 -12.37 -22.51
CA ALA B 73 7.45 -13.55 -22.88
C ALA B 73 6.26 -13.57 -21.97
N THR B 74 5.21 -14.22 -22.44
CA THR B 74 3.88 -14.16 -21.83
C THR B 74 3.40 -15.59 -21.73
N VAL B 75 2.75 -15.91 -20.63
CA VAL B 75 1.98 -17.13 -20.53
C VAL B 75 0.85 -16.95 -19.53
N SER B 76 -0.26 -17.59 -19.82
CA SER B 76 -1.49 -17.46 -19.06
C SER B 76 -2.29 -18.75 -19.28
N TYR B 77 -3.00 -19.17 -18.23
CA TYR B 77 -3.77 -20.41 -18.24
C TYR B 77 -5.00 -20.21 -17.37
N ASP B 78 -6.14 -20.72 -17.80
CA ASP B 78 -7.37 -20.65 -16.99
C ASP B 78 -7.39 -21.73 -15.92
N VAL B 79 -7.57 -21.29 -14.66
CA VAL B 79 -7.45 -22.09 -13.43
C VAL B 79 -8.26 -21.50 -12.30
N ASP B 80 -9.13 -22.31 -11.70
CA ASP B 80 -9.81 -21.95 -10.49
C ASP B 80 -8.93 -22.47 -9.38
N LEU B 81 -8.12 -21.58 -8.83
CA LEU B 81 -7.19 -21.94 -7.76
C LEU B 81 -7.89 -22.48 -6.51
N ASP B 82 -9.11 -21.99 -6.20
CA ASP B 82 -9.93 -22.57 -5.11
C ASP B 82 -10.27 -24.04 -5.27
N ASN B 83 -10.27 -24.50 -6.51
CA ASN B 83 -10.56 -25.87 -6.83
C ASN B 83 -9.32 -26.76 -6.80
N VAL B 84 -8.12 -26.18 -6.75
CA VAL B 84 -6.90 -26.98 -6.83
C VAL B 84 -6.12 -26.98 -5.52
N LEU B 85 -5.96 -25.81 -4.92
CA LEU B 85 -5.15 -25.66 -3.72
C LEU B 85 -6.08 -25.65 -2.52
N PRO B 86 -5.51 -25.84 -1.31
CA PRO B 86 -6.27 -25.64 -0.06
C PRO B 86 -6.45 -24.16 0.28
N GLU B 87 -7.38 -23.88 1.19
CA GLU B 87 -7.62 -22.52 1.73
C GLU B 87 -6.33 -21.78 2.13
N TRP B 88 -5.52 -22.45 2.94
CA TRP B 88 -4.23 -21.91 3.38
C TRP B 88 -3.06 -22.55 2.63
N VAL B 89 -2.23 -21.66 2.09
CA VAL B 89 -1.04 -22.00 1.34
C VAL B 89 0.16 -21.31 1.95
N ARG B 90 1.32 -21.71 1.47
CA ARG B 90 2.48 -20.89 1.56
C ARG B 90 2.92 -20.62 0.15
N VAL B 91 3.65 -19.52 -0.01
CA VAL B 91 4.09 -19.04 -1.34
C VAL B 91 5.60 -18.95 -1.36
N GLY B 92 6.19 -19.25 -2.50
CA GLY B 92 7.65 -19.37 -2.59
C GLY B 92 8.26 -19.25 -3.96
N LEU B 93 9.60 -19.21 -3.96
CA LEU B 93 10.46 -19.30 -5.15
C LEU B 93 11.17 -20.62 -4.98
N SER B 94 11.45 -21.29 -6.09
CA SER B 94 12.33 -22.48 -6.07
C SER B 94 13.30 -22.47 -7.30
N ALA B 95 14.36 -23.27 -7.25
CA ALA B 95 15.31 -23.43 -8.36
C ALA B 95 16.13 -24.73 -8.20
N SER B 96 16.83 -25.12 -9.26
CA SER B 96 17.49 -26.43 -9.38
C SER B 96 18.49 -26.42 -10.52
N THR B 97 19.65 -27.03 -10.31
CA THR B 97 20.61 -27.37 -11.37
C THR B 97 20.71 -28.90 -11.45
N GLY B 98 21.39 -29.41 -12.46
CA GLY B 98 21.53 -30.89 -12.68
C GLY B 98 22.90 -31.23 -13.21
N LEU B 99 22.94 -31.92 -14.35
CA LEU B 99 24.16 -32.00 -15.17
C LEU B 99 24.62 -30.58 -15.54
N TYR B 100 23.66 -29.74 -15.94
CA TYR B 100 23.94 -28.35 -16.26
C TYR B 100 23.54 -27.46 -15.08
N LYS B 101 24.06 -26.25 -15.09
CA LYS B 101 23.84 -25.33 -13.96
C LYS B 101 23.87 -23.85 -14.31
N GLU B 102 23.53 -23.04 -13.32
CA GLU B 102 23.38 -21.62 -13.49
C GLU B 102 23.34 -21.06 -12.10
N THR B 103 23.57 -19.76 -11.95
CA THR B 103 23.17 -19.08 -10.70
C THR B 103 21.66 -18.93 -10.75
N ASN B 104 20.96 -19.26 -9.66
CA ASN B 104 19.52 -18.98 -9.53
C ASN B 104 19.34 -17.87 -8.45
N THR B 105 19.74 -16.66 -8.85
CA THR B 105 19.98 -15.58 -7.89
C THR B 105 18.84 -14.60 -7.73
N ILE B 106 18.37 -14.42 -6.51
CA ILE B 106 17.21 -13.59 -6.29
C ILE B 106 17.63 -12.25 -5.64
N LEU B 107 17.41 -11.19 -6.41
CA LEU B 107 17.81 -9.87 -6.07
C LEU B 107 16.67 -9.16 -5.38
N SER B 108 15.45 -9.52 -5.71
CA SER B 108 14.27 -9.00 -5.02
C SER B 108 13.09 -9.92 -5.29
N TRP B 109 12.10 -9.86 -4.39
CA TRP B 109 10.88 -10.67 -4.48
C TRP B 109 9.78 -9.87 -3.80
N SER B 110 8.56 -9.84 -4.34
CA SER B 110 7.42 -9.31 -3.55
C SER B 110 6.13 -9.99 -3.88
N PHE B 111 5.20 -9.81 -2.95
CA PHE B 111 3.90 -10.47 -2.92
C PHE B 111 2.81 -9.56 -2.34
N THR B 112 1.58 -9.72 -2.84
CA THR B 112 0.43 -9.01 -2.33
C THR B 112 -0.76 -9.96 -2.46
N SER B 113 -1.33 -10.47 -1.38
CA SER B 113 -2.63 -11.19 -1.47
C SER B 113 -3.76 -10.36 -0.92
N LYS B 114 -4.82 -10.19 -1.70
CA LYS B 114 -6.03 -9.52 -1.21
C LYS B 114 -7.14 -10.52 -1.28
N LEU B 115 -7.91 -10.61 -0.20
CA LEU B 115 -9.16 -11.34 -0.20
C LEU B 115 -10.33 -10.51 0.36
N LYS B 116 -11.42 -10.43 -0.43
CA LYS B 116 -12.62 -9.63 -0.08
C LYS B 116 -13.83 -10.57 0.13
N SER B 117 -14.26 -10.68 1.38
CA SER B 117 -15.47 -11.41 1.69
C SER B 117 -16.67 -10.64 1.12
N GLU B 122 -14.60 -6.60 5.58
CA GLU B 122 -14.59 -7.28 4.28
C GLU B 122 -13.17 -7.67 3.77
N THR B 123 -12.23 -6.73 3.64
CA THR B 123 -10.88 -7.04 3.08
C THR B 123 -9.95 -7.60 4.13
N ASN B 124 -9.32 -8.74 3.82
CA ASN B 124 -8.07 -9.14 4.48
C ASN B 124 -6.89 -9.02 3.52
N ALA B 125 -5.73 -8.61 4.04
CA ALA B 125 -4.59 -8.30 3.18
C ALA B 125 -3.27 -8.85 3.69
N LEU B 126 -2.38 -9.20 2.75
CA LEU B 126 -0.99 -9.61 3.01
C LEU B 126 -0.07 -8.99 1.97
N HIS B 127 1.02 -8.34 2.41
CA HIS B 127 2.05 -7.83 1.51
C HIS B 127 3.41 -8.03 2.12
N PHE B 128 4.40 -8.39 1.32
CA PHE B 128 5.78 -8.30 1.80
C PHE B 128 6.63 -7.96 0.63
N MET B 129 7.69 -7.18 0.88
CA MET B 129 8.65 -6.74 -0.15
C MET B 129 10.09 -7.05 0.28
N PHE B 130 10.82 -7.74 -0.58
CA PHE B 130 12.25 -8.00 -0.38
C PHE B 130 13.13 -7.31 -1.45
N ASN B 131 13.75 -6.16 -1.14
CA ASN B 131 14.79 -5.55 -2.01
C ASN B 131 16.21 -5.97 -1.63
N GLN B 132 16.37 -6.37 -0.37
CA GLN B 132 17.55 -7.14 0.01
C GLN B 132 17.28 -8.19 1.10
N PHE B 133 18.27 -9.07 1.24
CA PHE B 133 18.21 -10.26 2.06
C PHE B 133 19.40 -10.28 3.07
N SER B 134 19.11 -10.35 4.37
CA SER B 134 20.17 -10.52 5.36
C SER B 134 20.51 -12.02 5.58
N LYS B 135 21.62 -12.29 6.25
CA LYS B 135 22.13 -13.65 6.52
C LYS B 135 21.19 -14.45 7.43
N ASP B 136 20.55 -13.78 8.38
CA ASP B 136 19.53 -14.42 9.17
C ASP B 136 18.16 -13.82 8.84
N GLN B 137 17.68 -14.19 7.64
CA GLN B 137 16.44 -13.64 7.09
C GLN B 137 15.31 -14.50 7.67
N LYS B 138 14.96 -14.20 8.92
CA LYS B 138 14.04 -15.04 9.75
C LYS B 138 12.59 -15.21 9.25
N ASP B 139 12.13 -14.33 8.36
CA ASP B 139 10.79 -14.45 7.72
C ASP B 139 10.76 -15.35 6.44
N LEU B 140 11.87 -15.95 6.08
CA LEU B 140 11.87 -16.98 5.04
C LEU B 140 12.14 -18.33 5.66
N ILE B 141 11.64 -19.36 5.02
CA ILE B 141 11.95 -20.72 5.31
C ILE B 141 12.81 -21.17 4.14
N LEU B 142 14.11 -21.37 4.44
CA LEU B 142 15.08 -21.84 3.45
C LEU B 142 15.14 -23.36 3.51
N GLN B 143 14.90 -23.98 2.36
CA GLN B 143 14.99 -25.42 2.23
C GLN B 143 16.07 -25.80 1.26
N GLY B 144 16.63 -26.99 1.43
CA GLY B 144 17.72 -27.47 0.59
C GLY B 144 18.95 -26.57 0.63
N ASP B 145 19.36 -26.08 -0.55
CA ASP B 145 20.65 -25.41 -0.73
C ASP B 145 20.59 -23.85 -0.66
N ALA B 146 19.37 -23.31 -0.45
CA ALA B 146 19.13 -21.88 -0.39
C ALA B 146 19.81 -21.17 0.79
N THR B 147 20.63 -20.14 0.51
CA THR B 147 21.22 -19.27 1.55
C THR B 147 20.86 -17.84 1.23
N THR B 148 21.14 -16.96 2.21
CA THR B 148 20.91 -15.52 2.11
C THR B 148 22.11 -14.73 2.65
N GLY B 149 22.26 -13.49 2.17
CA GLY B 149 23.42 -12.66 2.50
C GLY B 149 24.65 -13.10 1.74
N THR B 150 24.63 -12.94 0.43
CA THR B 150 25.85 -12.87 -0.40
C THR B 150 25.52 -11.86 -1.48
N ASP B 151 26.23 -10.73 -1.50
CA ASP B 151 25.61 -9.44 -1.76
C ASP B 151 24.53 -9.41 -0.67
N GLY B 152 23.37 -8.78 -0.87
CA GLY B 152 22.23 -8.98 0.01
C GLY B 152 21.18 -9.74 -0.77
N ASN B 153 21.55 -10.91 -1.28
CA ASN B 153 20.65 -11.72 -2.15
C ASN B 153 20.33 -13.08 -1.61
N LEU B 154 19.22 -13.61 -2.11
CA LEU B 154 18.82 -14.99 -1.91
C LEU B 154 19.40 -15.74 -3.08
N GLU B 155 20.03 -16.87 -2.78
CA GLU B 155 20.61 -17.75 -3.78
C GLU B 155 19.92 -19.07 -3.57
N LEU B 156 19.08 -19.47 -4.51
CA LEU B 156 18.32 -20.69 -4.36
C LEU B 156 19.25 -21.89 -4.49
N THR B 157 20.28 -21.81 -5.34
CA THR B 157 21.15 -22.96 -5.56
C THR B 157 22.58 -22.65 -5.18
N ARG B 158 23.39 -23.72 -5.10
CA ARG B 158 24.79 -23.65 -4.67
C ARG B 158 25.63 -22.84 -5.64
N VAL B 159 26.42 -21.96 -5.07
CA VAL B 159 27.34 -21.09 -5.79
C VAL B 159 28.62 -20.92 -4.95
N SER B 160 29.77 -20.90 -5.63
CA SER B 160 31.11 -20.85 -4.98
C SER B 160 31.35 -19.54 -4.26
N SER B 161 32.46 -19.47 -3.53
CA SER B 161 32.83 -18.26 -2.78
C SER B 161 33.18 -17.05 -3.67
N ASN B 162 33.31 -17.30 -4.98
CA ASN B 162 33.54 -16.28 -6.00
C ASN B 162 32.43 -16.24 -7.08
N GLY B 163 31.25 -16.76 -6.77
CA GLY B 163 30.10 -16.64 -7.67
C GLY B 163 29.89 -17.71 -8.74
N SER B 164 30.62 -18.82 -8.72
CA SER B 164 30.45 -19.91 -9.73
C SER B 164 29.41 -21.00 -9.35
N PRO B 165 28.36 -21.17 -10.16
CA PRO B 165 27.28 -22.08 -9.79
C PRO B 165 27.67 -23.56 -9.90
N GLN B 166 27.01 -24.41 -9.11
CA GLN B 166 27.36 -25.83 -9.01
C GLN B 166 26.20 -26.70 -9.55
N GLY B 167 26.55 -27.79 -10.23
CA GLY B 167 25.59 -28.82 -10.66
C GLY B 167 24.88 -29.53 -9.51
N SER B 168 23.90 -30.36 -9.84
CA SER B 168 23.03 -31.11 -8.88
C SER B 168 22.74 -30.38 -7.53
N SER B 169 22.10 -29.22 -7.65
CA SER B 169 21.66 -28.42 -6.50
C SER B 169 20.13 -28.24 -6.57
N VAL B 170 19.52 -27.93 -5.44
CA VAL B 170 18.08 -27.66 -5.34
C VAL B 170 17.78 -26.86 -4.06
N GLY B 171 17.06 -25.75 -4.19
CA GLY B 171 16.74 -24.93 -3.04
C GLY B 171 15.47 -24.10 -3.21
N ARG B 172 14.89 -23.74 -2.07
CA ARG B 172 13.60 -23.08 -2.03
C ARG B 172 13.64 -22.06 -0.91
N ALA B 173 12.96 -20.94 -1.17
CA ALA B 173 12.65 -19.91 -0.18
C ALA B 173 11.14 -19.78 -0.10
N LEU B 174 10.61 -19.75 1.12
CA LEU B 174 9.16 -19.60 1.36
C LEU B 174 8.96 -18.51 2.40
N PHE B 175 7.96 -17.66 2.23
CA PHE B 175 7.65 -16.64 3.25
C PHE B 175 6.99 -17.34 4.43
N TYR B 176 7.30 -16.87 5.63
CA TYR B 176 7.09 -17.61 6.84
C TYR B 176 5.61 -17.82 7.13
N ALA B 177 4.84 -16.74 6.99
CA ALA B 177 3.42 -16.78 7.29
C ALA B 177 2.70 -17.52 6.16
N PRO B 178 1.77 -18.42 6.52
CA PRO B 178 0.88 -18.97 5.53
C PRO B 178 -0.11 -17.90 5.06
N VAL B 179 -0.72 -18.13 3.89
CA VAL B 179 -1.51 -17.11 3.19
C VAL B 179 -2.91 -17.59 2.87
N HIS B 180 -3.93 -16.82 3.25
CA HIS B 180 -5.30 -17.13 2.82
C HIS B 180 -5.41 -16.67 1.40
N ILE B 181 -5.66 -17.59 0.49
CA ILE B 181 -5.62 -17.26 -0.92
C ILE B 181 -6.94 -17.60 -1.72
N TRP B 182 -7.95 -18.09 -1.01
CA TRP B 182 -9.33 -18.07 -1.47
C TRP B 182 -10.24 -18.36 -0.27
N GLU B 183 -11.36 -17.63 -0.16
CA GLU B 183 -12.44 -18.03 0.74
C GLU B 183 -13.55 -18.61 -0.08
N SER B 184 -14.51 -19.22 0.62
CA SER B 184 -15.66 -19.81 -0.02
C SER B 184 -16.66 -18.70 -0.39
N ALA B 186 -15.78 -15.82 -1.85
CA ALA B 186 -15.16 -14.50 -1.91
C ALA B 186 -15.95 -13.62 -2.84
N VAL B 187 -16.05 -12.33 -2.52
CA VAL B 187 -16.50 -11.32 -3.49
C VAL B 187 -15.42 -11.32 -4.59
N VAL B 188 -14.19 -10.96 -4.19
CA VAL B 188 -13.02 -11.14 -5.04
C VAL B 188 -11.81 -11.52 -4.20
N ALA B 189 -10.93 -12.34 -4.77
CA ALA B 189 -9.61 -12.60 -4.23
C ALA B 189 -8.57 -12.24 -5.30
N SER B 190 -7.34 -11.92 -4.90
CA SER B 190 -6.30 -11.65 -5.90
C SER B 190 -4.92 -11.67 -5.28
N PHE B 191 -3.93 -11.94 -6.09
CA PHE B 191 -2.55 -11.80 -5.67
C PHE B 191 -1.69 -11.35 -6.83
N GLU B 192 -0.68 -10.53 -6.50
CA GLU B 192 0.43 -10.23 -7.42
C GLU B 192 1.77 -10.66 -6.83
N ALA B 193 2.60 -11.28 -7.66
CA ALA B 193 3.94 -11.67 -7.27
C ALA B 193 4.88 -11.11 -8.28
N THR B 194 5.97 -10.50 -7.80
CA THR B 194 7.07 -10.02 -8.65
C THR B 194 8.36 -10.53 -8.07
N PHE B 195 9.34 -10.81 -8.93
CA PHE B 195 10.73 -10.95 -8.44
C PHE B 195 11.73 -10.58 -9.49
N THR B 196 12.93 -10.22 -9.05
CA THR B 196 14.06 -10.01 -9.98
C THR B 196 15.12 -11.08 -9.77
N PHE B 197 15.58 -11.67 -10.87
CA PHE B 197 16.54 -12.76 -10.89
C PHE B 197 17.75 -12.45 -11.78
N LEU B 198 18.85 -13.16 -11.57
CA LEU B 198 20.03 -13.06 -12.44
C LEU B 198 20.60 -14.43 -12.67
N ILE B 199 20.41 -14.94 -13.89
CA ILE B 199 20.86 -16.29 -14.17
C ILE B 199 22.13 -16.19 -14.96
N LYS B 200 23.15 -16.84 -14.44
CA LYS B 200 24.48 -16.74 -14.98
C LYS B 200 25.15 -18.09 -14.92
N SER B 201 25.74 -18.50 -16.05
CA SER B 201 26.27 -19.84 -16.22
C SER B 201 27.50 -19.86 -17.14
N PRO B 202 28.54 -20.65 -16.80
CA PRO B 202 29.68 -20.84 -17.72
C PRO B 202 29.41 -21.91 -18.78
N ASP B 203 28.47 -22.81 -18.47
CA ASP B 203 27.98 -23.82 -19.40
C ASP B 203 27.43 -23.13 -20.65
N SER B 204 27.43 -23.86 -21.76
CA SER B 204 26.84 -23.36 -23.00
C SER B 204 25.32 -23.44 -22.92
N HIS B 205 24.82 -24.38 -22.12
CA HIS B 205 23.41 -24.45 -21.77
C HIS B 205 23.32 -24.39 -20.24
N PRO B 206 22.61 -23.39 -19.70
CA PRO B 206 22.30 -23.45 -18.30
C PRO B 206 21.11 -24.31 -18.04
N ALA B 207 20.98 -24.70 -16.76
CA ALA B 207 19.88 -25.49 -16.29
C ALA B 207 19.65 -25.15 -14.82
N ASP B 208 18.47 -25.38 -14.23
CA ASP B 208 17.30 -25.95 -14.91
C ASP B 208 16.16 -24.98 -15.02
N GLY B 209 16.21 -23.93 -14.22
CA GLY B 209 15.26 -22.84 -14.25
C GLY B 209 14.94 -22.36 -12.85
N ILE B 210 14.20 -21.25 -12.77
CA ILE B 210 13.57 -20.76 -11.51
C ILE B 210 12.05 -20.99 -11.58
N ALA B 211 11.41 -21.15 -10.44
CA ALA B 211 9.96 -21.27 -10.38
C ALA B 211 9.48 -20.32 -9.28
N PHE B 212 8.27 -19.80 -9.45
CA PHE B 212 7.53 -19.22 -8.33
C PHE B 212 6.44 -20.24 -8.05
N PHE B 213 6.16 -20.52 -6.77
CA PHE B 213 5.29 -21.62 -6.36
C PHE B 213 4.40 -21.29 -5.17
N ILE B 214 3.21 -21.90 -5.18
CA ILE B 214 2.19 -21.80 -4.12
C ILE B 214 1.81 -23.26 -3.78
N SER B 215 1.87 -23.59 -2.51
CA SER B 215 1.87 -24.96 -2.02
C SER B 215 0.98 -25.10 -0.81
N ASN B 216 0.69 -26.34 -0.44
CA ASN B 216 0.30 -26.64 0.96
C ASN B 216 1.30 -26.05 1.97
N ILE B 217 0.80 -25.56 3.09
CA ILE B 217 1.71 -24.91 4.07
C ILE B 217 2.93 -25.75 4.46
N ASP B 218 2.76 -27.08 4.55
CA ASP B 218 3.81 -27.96 5.04
C ASP B 218 4.58 -28.61 3.91
N SER B 219 4.72 -27.91 2.80
CA SER B 219 5.43 -28.48 1.65
C SER B 219 6.94 -28.33 1.80
N SER B 220 7.70 -29.26 1.23
CA SER B 220 9.16 -29.15 1.19
C SER B 220 9.69 -29.78 -0.09
N ILE B 221 11.00 -29.68 -0.29
CA ILE B 221 11.65 -30.25 -1.48
C ILE B 221 11.45 -31.77 -1.44
N PRO B 222 10.84 -32.38 -2.48
CA PRO B 222 10.86 -33.85 -2.60
C PRO B 222 12.27 -34.47 -2.75
N SER B 223 12.43 -35.74 -2.34
CA SER B 223 13.66 -36.46 -2.53
C SER B 223 14.07 -36.45 -3.98
N GLY B 224 15.31 -36.04 -4.21
CA GLY B 224 15.92 -36.07 -5.51
C GLY B 224 15.31 -35.19 -6.59
N SER B 225 14.66 -34.07 -6.21
CA SER B 225 14.00 -33.13 -7.17
C SER B 225 14.93 -32.05 -7.76
N THR B 226 16.23 -32.33 -7.80
CA THR B 226 17.16 -31.57 -8.64
C THR B 226 16.75 -31.71 -10.10
N GLY B 227 17.49 -31.01 -10.96
CA GLY B 227 17.32 -31.15 -12.39
C GLY B 227 15.98 -30.60 -12.88
N ARG B 228 15.49 -31.26 -13.91
CA ARG B 228 14.21 -30.99 -14.53
C ARG B 228 13.00 -30.87 -13.59
N LEU B 229 13.09 -31.44 -12.38
CA LEU B 229 11.96 -31.38 -11.44
C LEU B 229 11.90 -30.09 -10.57
N LEU B 230 12.94 -29.24 -10.62
CA LEU B 230 12.88 -27.82 -10.21
C LEU B 230 12.59 -27.57 -8.76
N GLY B 231 12.85 -28.58 -7.94
CA GLY B 231 12.53 -28.54 -6.53
C GLY B 231 11.08 -28.69 -6.23
N LEU B 232 10.25 -28.89 -7.22
CA LEU B 232 8.82 -28.79 -6.99
C LEU B 232 8.10 -30.14 -6.94
N PHE B 233 8.58 -31.12 -7.70
CA PHE B 233 7.77 -32.32 -8.07
C PHE B 233 8.46 -33.62 -7.73
N PRO B 234 7.66 -34.63 -7.28
CA PRO B 234 8.23 -35.94 -6.92
C PRO B 234 8.74 -36.74 -8.11
N ASP B 235 8.18 -36.48 -9.28
CA ASP B 235 8.38 -37.33 -10.41
C ASP B 235 8.10 -36.52 -11.67
N ALA B 236 8.43 -37.08 -12.83
CA ALA B 236 8.16 -36.44 -14.12
C ALA B 236 6.71 -36.66 -14.66
N ASN B 237 5.82 -37.14 -13.81
CA ASN B 237 4.43 -37.37 -14.20
C ASN B 237 3.67 -36.07 -14.31
N ALA C 1 0.67 36.44 -1.60
CA ALA C 1 1.83 35.74 -0.97
C ALA C 1 1.44 34.37 -0.42
N ASP C 2 2.26 33.38 -0.73
CA ASP C 2 2.02 31.98 -0.44
C ASP C 2 2.37 31.62 1.02
N THR C 3 1.62 30.64 1.57
CA THR C 3 1.92 29.94 2.84
C THR C 3 2.89 28.76 2.60
N ILE C 4 4.11 28.77 3.15
CA ILE C 4 5.11 27.70 2.88
C ILE C 4 5.67 26.93 4.09
N VAL C 5 5.53 25.59 4.09
CA VAL C 5 6.33 24.69 4.95
C VAL C 5 7.24 23.83 4.08
N ALA C 6 8.52 23.84 4.40
CA ALA C 6 9.52 23.22 3.53
C ALA C 6 10.58 22.56 4.37
N VAL C 7 11.13 21.46 3.86
CA VAL C 7 12.41 20.99 4.36
C VAL C 7 13.41 21.21 3.29
N GLU C 8 14.51 21.84 3.68
CA GLU C 8 15.47 22.43 2.75
C GLU C 8 16.78 21.61 2.77
N LEU C 9 17.18 21.14 1.58
CA LEU C 9 18.55 20.65 1.33
C LEU C 9 19.41 21.82 0.83
N ASP C 10 19.94 22.57 1.79
CA ASP C 10 20.66 23.83 1.58
C ASP C 10 22.15 23.62 1.28
N THR C 11 22.46 23.66 -0.01
CA THR C 11 23.82 23.45 -0.47
C THR C 11 24.79 24.64 -0.27
N TYR C 12 24.27 25.87 -0.14
CA TYR C 12 25.11 27.07 -0.10
C TYR C 12 24.89 27.89 1.17
N PRO C 13 25.97 28.15 1.93
CA PRO C 13 25.84 28.92 3.18
C PRO C 13 25.73 30.40 2.93
N ASN C 14 24.50 30.89 2.96
CA ASN C 14 24.19 32.31 2.89
C ASN C 14 24.23 32.89 4.30
N THR C 15 25.44 33.10 4.80
CA THR C 15 25.59 33.38 6.21
C THR C 15 24.95 34.70 6.56
N ASP C 16 24.91 35.62 5.57
CA ASP C 16 24.27 36.97 5.69
C ASP C 16 22.88 36.91 6.32
N ILE C 17 22.18 35.78 6.16
CA ILE C 17 20.79 35.64 6.57
C ILE C 17 20.49 34.36 7.41
N GLY C 18 21.44 33.97 8.27
CA GLY C 18 21.21 32.85 9.21
C GLY C 18 21.57 31.44 8.76
N ASP C 19 21.91 31.20 7.48
CA ASP C 19 22.46 29.89 7.09
C ASP C 19 23.66 29.62 8.02
N PRO C 20 23.86 28.35 8.41
CA PRO C 20 25.12 28.08 9.10
C PRO C 20 26.32 28.28 8.19
N SER C 21 27.49 27.98 8.71
CA SER C 21 28.71 28.19 7.95
C SER C 21 29.04 27.04 6.99
N TYR C 22 28.12 26.09 6.78
CA TYR C 22 28.39 24.88 6.00
C TYR C 22 27.08 24.42 5.32
N PRO C 23 27.18 23.48 4.33
CA PRO C 23 25.92 22.95 3.79
C PRO C 23 25.12 22.24 4.89
N HIS C 24 23.82 22.38 4.87
CA HIS C 24 22.98 21.92 5.94
C HIS C 24 21.63 21.43 5.43
N ILE C 25 20.89 20.75 6.29
CA ILE C 25 19.45 20.54 6.09
C ILE C 25 18.72 21.33 7.16
N GLY C 26 17.43 21.50 6.99
CA GLY C 26 16.75 22.49 7.77
C GLY C 26 15.28 22.51 7.49
N ILE C 27 14.54 22.97 8.46
CA ILE C 27 13.12 23.01 8.34
C ILE C 27 12.70 24.48 8.21
N ASP C 28 11.98 24.80 7.12
CA ASP C 28 11.52 26.16 6.82
C ASP C 28 10.02 26.29 7.08
N ILE C 29 9.67 27.07 8.11
CA ILE C 29 8.26 27.37 8.48
C ILE C 29 7.97 28.85 8.21
N LYS C 30 7.34 29.14 7.06
CA LYS C 30 7.03 30.49 6.62
C LYS C 30 8.20 31.47 6.37
N SER C 31 9.44 30.99 6.56
CA SER C 31 10.65 31.79 6.40
C SER C 31 11.73 30.95 5.78
N VAL C 32 12.58 31.62 5.01
CA VAL C 32 13.83 31.01 4.58
C VAL C 32 14.84 30.85 5.72
N ARG C 33 14.75 31.70 6.73
CA ARG C 33 15.54 31.51 7.96
C ARG C 33 15.04 30.28 8.72
N SER C 34 15.62 29.13 8.39
CA SER C 34 15.20 27.87 8.94
C SER C 34 15.05 27.91 10.46
N LYS C 35 14.00 27.28 10.98
CA LYS C 35 13.76 27.23 12.41
C LYS C 35 14.76 26.31 13.07
N LYS C 36 15.13 25.27 12.35
CA LYS C 36 16.09 24.32 12.84
C LYS C 36 16.90 23.79 11.68
N THR C 37 18.20 23.56 11.92
CA THR C 37 19.12 23.04 10.90
C THR C 37 20.02 21.94 11.45
N ALA C 38 20.53 21.10 10.55
CA ALA C 38 21.64 20.18 10.88
C ALA C 38 22.62 20.11 9.71
N LYS C 39 23.87 19.82 10.03
CA LYS C 39 24.97 19.79 9.06
C LYS C 39 24.79 18.61 8.18
N TRP C 40 25.03 18.82 6.89
CA TRP C 40 24.90 17.78 5.88
C TRP C 40 26.11 17.78 4.94
N ASN C 41 26.87 16.68 4.94
CA ASN C 41 28.01 16.52 4.04
C ASN C 41 27.49 16.08 2.69
N MET C 42 27.06 17.08 1.93
CA MET C 42 26.61 16.87 0.57
C MET C 42 27.80 16.36 -0.23
N GLN C 43 27.56 15.33 -1.06
CA GLN C 43 28.59 14.65 -1.84
C GLN C 43 28.33 14.98 -3.29
N ASN C 44 29.27 15.68 -3.91
CA ASN C 44 29.16 16.11 -5.30
C ASN C 44 28.99 14.90 -6.25
N GLY C 45 28.09 15.04 -7.22
CA GLY C 45 27.88 14.03 -8.24
C GLY C 45 27.41 12.69 -7.79
N LYS C 46 26.87 12.59 -6.58
CA LYS C 46 26.35 11.31 -6.07
C LYS C 46 24.84 11.38 -5.74
N VAL C 47 24.17 10.28 -6.02
CA VAL C 47 22.76 10.13 -5.75
C VAL C 47 22.56 10.00 -4.25
N GLY C 48 21.62 10.80 -3.71
CA GLY C 48 21.24 10.78 -2.28
C GLY C 48 19.76 10.48 -2.06
N THR C 49 19.39 10.24 -0.81
CA THR C 49 18.00 9.99 -0.39
C THR C 49 17.58 10.92 0.75
N ALA C 50 16.38 11.48 0.60
CA ALA C 50 15.74 12.31 1.61
C ALA C 50 14.36 11.74 1.94
N HIS C 51 14.06 11.60 3.24
CA HIS C 51 12.78 11.11 3.76
C HIS C 51 12.19 12.17 4.64
N ILE C 52 10.95 12.57 4.42
CA ILE C 52 10.28 13.58 5.26
C ILE C 52 8.99 13.00 5.85
N ILE C 53 8.80 13.23 7.17
CA ILE C 53 7.72 12.62 7.94
C ILE C 53 7.16 13.50 9.05
N TYR C 54 5.88 13.26 9.32
CA TYR C 54 5.07 14.03 10.22
C TYR C 54 3.82 13.19 10.55
N ASN C 55 3.37 13.27 11.80
CA ASN C 55 2.02 12.83 12.16
C ASN C 55 1.43 13.85 13.09
N SER C 56 0.10 13.92 13.14
CA SER C 56 -0.62 14.96 13.90
C SER C 56 -0.70 14.68 15.41
N VAL C 57 -0.26 13.48 15.82
CA VAL C 57 -0.22 13.09 17.21
C VAL C 57 1.04 13.59 17.84
N ASP C 58 2.17 13.33 17.17
CA ASP C 58 3.46 13.84 17.61
C ASP C 58 3.71 15.28 17.16
N LYS C 59 3.12 15.71 16.04
CA LYS C 59 3.24 17.08 15.55
C LYS C 59 4.70 17.48 15.43
N ARG C 60 5.47 16.58 14.81
CA ARG C 60 6.94 16.63 14.78
C ARG C 60 7.40 16.42 13.32
N LEU C 61 7.88 17.49 12.68
CA LEU C 61 8.31 17.39 11.28
C LEU C 61 9.78 17.02 11.28
N SER C 62 10.08 15.85 10.74
CA SER C 62 11.45 15.34 10.77
C SER C 62 11.87 14.98 9.36
N ALA C 63 13.18 14.90 9.17
CA ALA C 63 13.71 14.63 7.86
C ALA C 63 15.06 13.96 7.92
N VAL C 64 15.29 13.05 6.97
CA VAL C 64 16.56 12.32 6.87
C VAL C 64 17.18 12.47 5.52
N VAL C 65 18.48 12.77 5.48
CA VAL C 65 19.26 12.90 4.24
C VAL C 65 20.48 11.99 4.29
N SER C 66 20.68 11.19 3.24
CA SER C 66 21.66 10.12 3.27
C SER C 66 22.25 9.77 1.93
N TYR C 67 23.43 9.19 2.02
CA TYR C 67 24.16 8.62 0.92
C TYR C 67 24.51 7.20 1.33
N PRO C 68 24.51 6.28 0.35
CA PRO C 68 25.00 4.94 0.66
C PRO C 68 26.35 4.97 1.38
N ASN C 69 26.44 4.20 2.47
CA ASN C 69 27.68 3.94 3.19
C ASN C 69 28.35 5.18 3.77
N ALA C 70 27.50 6.08 4.28
CA ALA C 70 27.92 7.28 5.00
C ALA C 70 26.86 7.66 5.99
N ASP C 71 27.28 8.35 7.04
CA ASP C 71 26.36 8.71 8.12
C ASP C 71 25.30 9.65 7.56
N SER C 72 24.05 9.32 7.87
CA SER C 72 22.91 10.19 7.55
C SER C 72 22.99 11.56 8.27
N ALA C 73 22.28 12.55 7.71
CA ALA C 73 22.05 13.81 8.38
C ALA C 73 20.57 13.87 8.74
N THR C 74 20.29 14.39 9.93
CA THR C 74 18.97 14.28 10.51
C THR C 74 18.54 15.62 11.11
N VAL C 75 17.28 16.01 10.87
CA VAL C 75 16.71 17.25 11.45
C VAL C 75 15.19 17.08 11.69
N SER C 76 14.71 17.80 12.72
CA SER C 76 13.42 17.51 13.35
C SER C 76 12.97 18.79 14.08
N TYR C 77 11.66 19.04 14.12
CA TYR C 77 11.14 20.27 14.70
C TYR C 77 9.65 20.19 15.00
N ASP C 78 9.24 20.77 16.13
CA ASP C 78 7.85 20.73 16.57
C ASP C 78 6.95 21.87 16.05
N VAL C 79 5.99 21.45 15.19
CA VAL C 79 4.98 22.31 14.60
C VAL C 79 3.61 21.62 14.57
N ASP C 80 2.59 22.32 15.05
CA ASP C 80 1.22 21.95 14.71
C ASP C 80 0.91 22.47 13.29
N LEU C 81 1.20 21.62 12.30
CA LEU C 81 0.98 21.98 10.90
C LEU C 81 -0.37 22.67 10.63
N ASP C 82 -1.42 22.20 11.32
CA ASP C 82 -2.79 22.74 11.17
C ASP C 82 -2.99 24.16 11.66
N ASN C 83 -2.12 24.61 12.55
CA ASN C 83 -2.10 25.99 12.97
C ASN C 83 -1.32 26.90 11.98
N VAL C 84 -0.77 26.33 10.90
CA VAL C 84 0.13 27.03 9.98
C VAL C 84 -0.47 27.01 8.58
N LEU C 85 -0.58 25.81 8.06
CA LEU C 85 -1.07 25.58 6.70
C LEU C 85 -2.60 25.44 6.65
N PRO C 86 -3.23 25.70 5.46
CA PRO C 86 -4.69 25.51 5.30
C PRO C 86 -5.14 24.05 5.05
N GLU C 87 -6.41 23.75 5.37
CA GLU C 87 -6.99 22.40 5.23
C GLU C 87 -6.42 21.67 4.02
N TRP C 88 -6.44 22.36 2.89
CA TRP C 88 -5.97 21.82 1.62
C TRP C 88 -4.68 22.46 1.23
N VAL C 89 -3.85 21.65 0.60
CA VAL C 89 -2.53 22.03 0.15
C VAL C 89 -2.19 21.27 -1.13
N ARG C 90 -1.06 21.63 -1.75
CA ARG C 90 -0.40 20.81 -2.77
C ARG C 90 0.98 20.42 -2.24
N VAL C 91 1.54 19.32 -2.71
CA VAL C 91 2.90 18.91 -2.31
C VAL C 91 3.86 19.03 -3.46
N GLY C 92 5.12 19.37 -3.14
CA GLY C 92 6.15 19.57 -4.19
C GLY C 92 7.62 19.60 -3.82
N LEU C 93 8.47 19.64 -4.86
CA LEU C 93 9.93 19.88 -4.81
C LEU C 93 10.30 21.24 -5.54
N SER C 94 11.28 21.94 -4.96
CA SER C 94 11.73 23.24 -5.48
C SER C 94 13.24 23.21 -5.46
N ALA C 95 13.85 24.05 -6.29
CA ALA C 95 15.30 24.20 -6.37
C ALA C 95 15.70 25.49 -7.07
N SER C 96 16.92 25.93 -6.82
CA SER C 96 17.43 27.19 -7.33
C SER C 96 18.97 27.21 -7.43
N THR C 97 19.47 27.96 -8.42
CA THR C 97 20.85 28.43 -8.49
C THR C 97 20.81 29.97 -8.51
N GLY C 98 21.97 30.57 -8.38
CA GLY C 98 22.11 32.00 -8.33
C GLY C 98 23.40 32.24 -9.04
N LEU C 99 24.33 32.93 -8.40
CA LEU C 99 25.67 33.13 -8.96
C LEU C 99 26.41 31.80 -9.21
N TYR C 100 26.33 30.89 -8.25
CA TYR C 100 26.88 29.57 -8.42
C TYR C 100 25.74 28.59 -8.59
N LYS C 101 26.10 27.42 -9.09
CA LYS C 101 25.16 26.48 -9.69
C LYS C 101 25.48 25.00 -9.41
N GLU C 102 24.47 24.17 -9.62
CA GLU C 102 24.56 22.73 -9.47
C GLU C 102 23.42 22.13 -10.33
N THR C 103 23.47 20.87 -10.73
CA THR C 103 22.27 20.23 -11.32
C THR C 103 21.35 19.90 -10.16
N ASN C 104 20.05 19.80 -10.42
CA ASN C 104 19.11 19.46 -9.33
C ASN C 104 18.16 18.45 -9.88
N THR C 105 18.73 17.32 -10.23
CA THR C 105 17.96 16.26 -10.90
C THR C 105 17.36 15.30 -9.86
N ILE C 106 16.08 14.96 -10.06
CA ILE C 106 15.32 14.14 -9.15
C ILE C 106 15.15 12.83 -9.93
N LEU C 107 15.55 11.71 -9.30
CA LEU C 107 15.46 10.41 -9.90
C LEU C 107 14.17 9.69 -9.51
N SER C 108 13.55 10.11 -8.42
CA SER C 108 12.34 9.48 -7.91
C SER C 108 11.71 10.30 -6.82
N TRP C 109 10.42 10.12 -6.62
CA TRP C 109 9.67 10.91 -5.68
C TRP C 109 8.45 10.07 -5.25
N SER C 110 8.22 9.99 -3.94
CA SER C 110 7.01 9.36 -3.39
C SER C 110 6.41 10.13 -2.20
N PHE C 111 5.13 9.90 -2.02
CA PHE C 111 4.35 10.58 -1.01
C PHE C 111 3.15 9.73 -0.59
N THR C 112 2.84 9.80 0.70
CA THR C 112 1.70 9.10 1.26
C THR C 112 1.06 10.01 2.31
N SER C 113 -0.25 10.19 2.19
CA SER C 113 -1.04 11.00 3.08
C SER C 113 -2.15 10.15 3.67
N LYS C 114 -2.35 10.21 4.98
CA LYS C 114 -3.31 9.34 5.67
C LYS C 114 -4.10 10.22 6.60
N LEU C 115 -5.41 10.20 6.48
CA LEU C 115 -6.25 11.05 7.33
C LEU C 115 -7.34 10.23 8.03
N LYS C 116 -7.13 9.93 9.32
CA LYS C 116 -8.20 9.41 10.17
C LYS C 116 -8.76 10.55 10.97
N THR C 123 -10.75 6.20 7.36
CA THR C 123 -9.49 6.61 6.74
C THR C 123 -9.64 7.18 5.34
N ASN C 124 -9.11 8.38 5.10
CA ASN C 124 -8.83 8.87 3.71
C ASN C 124 -7.31 8.81 3.39
N ALA C 125 -6.97 8.40 2.17
CA ALA C 125 -5.56 8.22 1.80
C ALA C 125 -5.21 8.65 0.38
N LEU C 126 -3.93 8.91 0.18
CA LEU C 126 -3.42 9.31 -1.12
C LEU C 126 -1.99 8.86 -1.24
N HIS C 127 -1.66 8.19 -2.34
CA HIS C 127 -0.27 7.81 -2.56
C HIS C 127 0.09 7.94 -4.02
N PHE C 128 1.29 8.44 -4.28
CA PHE C 128 1.86 8.38 -5.62
C PHE C 128 3.33 7.99 -5.55
N MET C 129 3.76 7.27 -6.57
CA MET C 129 5.14 6.93 -6.71
C MET C 129 5.60 7.33 -8.11
N PHE C 130 6.55 8.25 -8.16
CA PHE C 130 7.30 8.49 -9.37
C PHE C 130 8.69 7.85 -9.28
N ASN C 131 8.88 6.77 -10.04
CA ASN C 131 10.22 6.19 -10.25
C ASN C 131 10.83 6.65 -11.55
N GLN C 132 10.00 7.10 -12.47
CA GLN C 132 10.49 7.74 -13.68
C GLN C 132 9.49 8.80 -14.22
N PHE C 133 10.03 9.75 -15.00
CA PHE C 133 9.33 10.93 -15.47
C PHE C 133 9.40 11.03 -17.00
N SER C 134 8.26 10.92 -17.66
CA SER C 134 8.20 11.09 -19.10
C SER C 134 8.11 12.58 -19.42
N LYS C 135 8.30 12.91 -20.70
CA LYS C 135 8.34 14.29 -21.20
C LYS C 135 7.04 15.04 -21.03
N ASP C 136 5.93 14.31 -20.99
CA ASP C 136 4.64 14.92 -20.77
C ASP C 136 4.01 14.26 -19.56
N GLN C 137 4.53 14.69 -18.42
CA GLN C 137 4.15 14.12 -17.15
C GLN C 137 2.99 14.96 -16.62
N LYS C 138 1.80 14.59 -17.08
CA LYS C 138 0.60 15.42 -16.94
C LYS C 138 0.06 15.56 -15.52
N ASP C 139 0.47 14.67 -14.62
CA ASP C 139 0.06 14.70 -13.22
C ASP C 139 1.04 15.46 -12.27
N LEU C 140 1.95 16.20 -12.90
CA LEU C 140 2.81 17.15 -12.24
C LEU C 140 2.50 18.52 -12.79
N ILE C 141 2.35 19.50 -11.89
CA ILE C 141 2.40 20.92 -12.25
C ILE C 141 3.89 21.27 -12.29
N LEU C 142 4.38 21.65 -13.47
CA LEU C 142 5.74 22.22 -13.65
C LEU C 142 5.66 23.75 -13.70
N GLN C 143 6.60 24.39 -13.02
CA GLN C 143 6.58 25.82 -12.75
C GLN C 143 8.00 26.34 -12.94
N GLY C 144 8.17 27.48 -13.59
CA GLY C 144 9.54 27.97 -13.91
C GLY C 144 10.45 27.16 -14.89
N ASP C 145 11.66 26.78 -14.44
CA ASP C 145 12.67 26.11 -15.31
C ASP C 145 12.62 24.58 -15.40
N ALA C 146 11.65 23.97 -14.69
CA ALA C 146 11.54 22.51 -14.51
C ALA C 146 11.10 21.78 -15.75
N THR C 147 11.80 20.69 -16.08
CA THR C 147 11.45 19.87 -17.22
C THR C 147 11.48 18.42 -16.83
N THR C 148 10.78 17.62 -17.62
CA THR C 148 10.75 16.19 -17.45
C THR C 148 11.19 15.47 -18.71
N GLY C 149 11.63 14.24 -18.54
CA GLY C 149 11.85 13.31 -19.65
C GLY C 149 13.30 12.98 -19.92
N THR C 150 14.15 13.99 -19.82
CA THR C 150 15.54 13.82 -20.21
C THR C 150 16.22 12.88 -19.16
N ASP C 151 16.75 11.76 -19.67
CA ASP C 151 17.14 10.59 -18.90
C ASP C 151 16.02 9.96 -18.06
N GLY C 152 14.76 10.22 -18.43
CA GLY C 152 13.59 9.87 -17.63
C GLY C 152 13.50 10.51 -16.25
N ASN C 153 14.01 11.73 -16.10
CA ASN C 153 14.12 12.38 -14.81
C ASN C 153 13.49 13.77 -14.74
N LEU C 154 13.39 14.28 -13.50
CA LEU C 154 12.82 15.60 -13.21
C LEU C 154 13.96 16.60 -12.97
N GLU C 155 14.14 17.55 -13.88
CA GLU C 155 15.19 18.55 -13.74
C GLU C 155 14.56 19.81 -13.25
N LEU C 156 14.71 20.04 -11.94
CA LEU C 156 14.13 21.21 -11.31
C LEU C 156 14.70 22.50 -11.89
N THR C 157 16.00 22.52 -12.21
CA THR C 157 16.61 23.69 -12.80
C THR C 157 17.31 23.37 -14.06
N ARG C 158 17.51 24.44 -14.81
CA ARG C 158 18.08 24.44 -16.14
C ARG C 158 19.43 23.71 -16.25
N VAL C 159 19.50 22.82 -17.24
CA VAL C 159 20.71 22.11 -17.61
C VAL C 159 20.92 22.33 -19.10
N SER C 160 22.15 22.66 -19.51
CA SER C 160 22.46 22.86 -20.95
C SER C 160 22.48 21.54 -21.75
N SER C 161 22.59 21.64 -23.08
CA SER C 161 22.65 20.44 -23.96
C SER C 161 23.99 19.67 -23.91
N ASN C 162 24.98 20.27 -23.25
CA ASN C 162 26.21 19.59 -22.84
C ASN C 162 26.12 18.93 -21.45
N GLY C 163 25.00 19.14 -20.74
CA GLY C 163 24.77 18.60 -19.40
C GLY C 163 25.12 19.49 -18.20
N SER C 164 25.54 20.73 -18.47
CA SER C 164 26.07 21.65 -17.44
C SER C 164 24.96 22.43 -16.74
N PRO C 165 25.10 22.65 -15.42
CA PRO C 165 24.09 23.46 -14.70
C PRO C 165 24.25 24.96 -14.95
N GLN C 166 23.17 25.64 -15.36
CA GLN C 166 23.15 27.11 -15.54
C GLN C 166 22.79 27.84 -14.20
N GLY C 167 23.57 28.89 -13.89
CA GLY C 167 23.39 29.75 -12.74
C GLY C 167 22.12 30.56 -12.86
N SER C 168 21.72 31.15 -11.75
CA SER C 168 20.54 32.01 -11.69
C SER C 168 19.29 31.40 -12.35
N SER C 169 18.98 30.15 -11.98
CA SER C 169 17.76 29.41 -12.41
C SER C 169 16.88 28.97 -11.24
N VAL C 170 15.59 28.73 -11.52
CA VAL C 170 14.59 28.24 -10.53
C VAL C 170 13.41 27.45 -11.21
N GLY C 171 13.04 26.30 -10.61
CA GLY C 171 11.85 25.49 -11.04
C GLY C 171 11.26 24.68 -9.87
N ARG C 172 10.03 24.17 -10.04
CA ARG C 172 9.33 23.39 -9.02
C ARG C 172 8.43 22.38 -9.68
N ALA C 173 8.34 21.18 -9.09
CA ALA C 173 7.31 20.14 -9.45
C ALA C 173 6.32 19.93 -8.32
N LEU C 174 5.14 20.51 -8.45
CA LEU C 174 3.97 20.11 -7.63
C LEU C 174 3.13 18.93 -8.25
N PHE C 175 2.70 17.97 -7.43
CA PHE C 175 1.79 16.90 -7.87
C PHE C 175 0.44 17.56 -8.11
N TYR C 176 -0.34 17.06 -9.06
CA TYR C 176 -1.49 17.81 -9.63
C TYR C 176 -2.73 17.84 -8.74
N ALA C 177 -2.94 16.81 -7.92
CA ALA C 177 -4.10 16.73 -7.03
C ALA C 177 -3.87 17.45 -5.70
N PRO C 178 -4.78 18.37 -5.31
CA PRO C 178 -4.82 18.86 -3.93
C PRO C 178 -4.72 17.73 -2.92
N VAL C 179 -4.12 18.00 -1.74
CA VAL C 179 -3.95 16.99 -0.70
C VAL C 179 -4.56 17.51 0.58
N HIS C 180 -5.30 16.65 1.29
CA HIS C 180 -5.93 17.05 2.53
C HIS C 180 -5.08 16.65 3.69
N ILE C 181 -4.39 17.63 4.26
CA ILE C 181 -3.27 17.30 5.14
C ILE C 181 -3.54 17.55 6.64
N TRP C 182 -4.71 18.09 6.95
CA TRP C 182 -5.26 18.01 8.28
C TRP C 182 -6.75 18.25 8.22
N GLU C 183 -7.40 17.88 9.31
CA GLU C 183 -8.84 18.05 9.49
C GLU C 183 -9.05 18.12 10.98
N SER C 184 -10.00 18.94 11.42
CA SER C 184 -10.28 19.09 12.86
C SER C 184 -10.75 17.79 13.56
N SER C 185 -11.42 16.91 12.79
CA SER C 185 -11.93 15.61 13.26
C SER C 185 -11.00 14.44 12.89
N ALA C 186 -9.70 14.60 13.12
CA ALA C 186 -8.70 13.55 12.86
C ALA C 186 -8.18 12.89 14.15
N VAL C 187 -8.42 11.58 14.28
CA VAL C 187 -7.82 10.77 15.36
C VAL C 187 -6.31 10.79 15.14
N VAL C 188 -5.94 10.47 13.90
CA VAL C 188 -4.56 10.53 13.36
C VAL C 188 -4.52 10.87 11.89
N ALA C 189 -3.68 11.85 11.58
CA ALA C 189 -3.30 12.22 10.21
C ALA C 189 -1.77 12.13 10.06
N SER C 190 -1.30 11.70 8.89
CA SER C 190 0.16 11.63 8.65
C SER C 190 0.55 11.65 7.18
N PHE C 191 1.75 12.14 6.91
CA PHE C 191 2.33 12.03 5.60
C PHE C 191 3.77 11.55 5.69
N GLU C 192 4.20 10.89 4.64
CA GLU C 192 5.61 10.66 4.40
C GLU C 192 5.93 11.10 2.97
N ALA C 193 7.13 11.63 2.78
CA ALA C 193 7.65 11.91 1.45
C ALA C 193 9.11 11.42 1.30
N THR C 194 9.39 10.75 0.19
CA THR C 194 10.73 10.24 -0.10
C THR C 194 11.13 10.73 -1.46
N PHE C 195 12.41 11.00 -1.66
CA PHE C 195 12.91 11.34 -3.01
C PHE C 195 14.39 11.09 -3.13
N THR C 196 14.83 10.73 -4.34
CA THR C 196 16.26 10.62 -4.59
C THR C 196 16.73 11.78 -5.50
N PHE C 197 17.88 12.36 -5.16
CA PHE C 197 18.42 13.53 -5.87
C PHE C 197 19.83 13.25 -6.41
N LEU C 198 20.31 14.11 -7.32
CA LEU C 198 21.68 14.09 -7.83
C LEU C 198 22.16 15.51 -8.14
N ILE C 199 23.01 16.02 -7.25
CA ILE C 199 23.61 17.34 -7.36
C ILE C 199 25.00 17.14 -7.96
N LYS C 200 25.16 17.67 -9.16
CA LYS C 200 26.39 17.66 -9.90
C LYS C 200 26.76 19.13 -10.18
N SER C 201 27.93 19.55 -9.69
CA SER C 201 28.40 20.91 -9.92
C SER C 201 29.89 20.94 -10.25
N PRO C 202 30.28 21.64 -11.34
CA PRO C 202 31.71 21.93 -11.57
C PRO C 202 32.26 23.13 -10.75
N ASP C 203 31.43 23.79 -9.94
CA ASP C 203 31.87 24.94 -9.14
C ASP C 203 32.52 24.52 -7.83
N SER C 204 33.57 25.24 -7.45
CA SER C 204 34.16 25.13 -6.12
C SER C 204 33.10 24.98 -5.02
N HIS C 205 32.06 25.83 -5.09
CA HIS C 205 30.94 25.80 -4.15
C HIS C 205 29.61 25.70 -4.91
N PRO C 206 28.94 24.52 -4.91
CA PRO C 206 27.58 24.42 -5.49
C PRO C 206 26.52 25.22 -4.75
N ALA C 207 25.49 25.64 -5.45
CA ALA C 207 24.39 26.39 -4.85
C ALA C 207 23.18 26.14 -5.73
N ASP C 208 21.97 26.31 -5.21
CA ASP C 208 21.69 26.69 -3.82
C ASP C 208 21.08 25.55 -2.95
N GLY C 209 20.47 24.56 -3.61
CA GLY C 209 19.84 23.45 -2.94
C GLY C 209 18.43 23.07 -3.41
N ILE C 210 17.95 21.95 -2.86
CA ILE C 210 16.65 21.40 -3.18
C ILE C 210 15.88 21.43 -1.90
N ALA C 211 14.57 21.58 -2.04
CA ALA C 211 13.64 21.44 -0.92
C ALA C 211 12.37 20.70 -1.37
N PHE C 212 11.77 19.98 -0.42
CA PHE C 212 10.45 19.41 -0.54
C PHE C 212 9.56 20.36 0.22
N PHE C 213 8.43 20.70 -0.38
CA PHE C 213 7.51 21.69 0.21
C PHE C 213 6.03 21.40 0.11
N ILE C 214 5.32 22.00 1.05
CA ILE C 214 3.86 21.97 1.14
C ILE C 214 3.40 23.43 1.17
N SER C 215 2.41 23.78 0.37
CA SER C 215 1.93 25.16 0.32
C SER C 215 0.43 25.27 0.03
N ASN C 216 -0.08 26.50 0.05
CA ASN C 216 -1.44 26.82 -0.46
C ASN C 216 -1.57 26.22 -1.82
N ILE C 217 -2.73 25.67 -2.14
CA ILE C 217 -2.93 25.01 -3.43
C ILE C 217 -2.56 25.93 -4.62
N ASP C 218 -2.96 27.20 -4.59
CA ASP C 218 -2.69 28.10 -5.73
C ASP C 218 -1.22 28.64 -5.81
N SER C 219 -0.29 28.00 -5.12
CA SER C 219 1.09 28.51 -4.92
C SER C 219 1.88 28.66 -6.23
N SER C 220 2.66 29.73 -6.36
CA SER C 220 3.40 30.00 -7.61
C SER C 220 4.81 30.27 -7.24
N ILE C 221 5.72 30.36 -8.22
CA ILE C 221 7.11 30.75 -7.89
C ILE C 221 7.07 32.26 -7.59
N PRO C 222 7.69 32.68 -6.45
CA PRO C 222 7.89 34.12 -6.25
C PRO C 222 8.88 34.72 -7.23
N SER C 223 8.44 35.80 -7.88
CA SER C 223 9.28 36.60 -8.77
C SER C 223 10.61 36.89 -8.06
N GLY C 224 11.73 36.60 -8.73
CA GLY C 224 13.08 36.74 -8.18
C GLY C 224 13.58 35.70 -7.17
N SER C 225 12.81 34.65 -6.87
CA SER C 225 13.17 33.70 -5.80
C SER C 225 14.37 32.78 -6.05
N THR C 226 15.24 33.12 -7.00
CA THR C 226 16.43 32.34 -7.30
C THR C 226 17.44 32.39 -6.15
N GLY C 227 18.61 31.75 -6.36
CA GLY C 227 19.72 31.79 -5.40
C GLY C 227 19.30 31.31 -4.02
N ARG C 228 19.72 32.05 -2.99
CA ARG C 228 19.52 31.66 -1.59
C ARG C 228 18.09 31.37 -1.16
N LEU C 229 17.11 31.88 -1.94
CA LEU C 229 15.66 31.78 -1.67
C LEU C 229 14.92 30.51 -2.22
N LEU C 230 15.61 29.62 -2.93
CA LEU C 230 15.13 28.20 -3.16
C LEU C 230 13.78 28.00 -3.91
N GLY C 231 13.26 29.07 -4.51
CA GLY C 231 11.98 29.04 -5.24
C GLY C 231 10.78 29.07 -4.34
N LEU C 232 11.00 29.43 -3.07
CA LEU C 232 9.99 29.30 -2.01
C LEU C 232 9.51 30.59 -1.35
N PHE C 233 10.38 31.58 -1.16
CA PHE C 233 10.12 32.73 -0.27
C PHE C 233 10.33 34.05 -1.04
N PRO C 234 9.44 35.03 -0.87
CA PRO C 234 9.62 36.27 -1.63
C PRO C 234 10.90 37.02 -1.29
N ASP C 235 11.42 36.81 -0.06
CA ASP C 235 12.53 37.55 0.49
C ASP C 235 13.18 36.73 1.59
N ALA C 236 14.22 37.29 2.20
CA ALA C 236 14.99 36.56 3.19
C ALA C 236 14.49 36.80 4.62
N ASN C 237 13.33 37.45 4.77
CA ASN C 237 12.79 37.79 6.07
C ASN C 237 12.40 36.53 6.80
N ALA D 1 13.03 -15.84 29.92
CA ALA D 1 12.09 -14.70 30.14
C ALA D 1 12.08 -13.74 28.96
N ASP D 2 10.90 -13.23 28.62
CA ASP D 2 10.68 -12.47 27.39
C ASP D 2 11.14 -11.02 27.48
N THR D 3 11.39 -10.43 26.32
CA THR D 3 11.64 -8.99 26.17
C THR D 3 10.37 -8.40 25.62
N ILE D 4 9.72 -7.56 26.39
CA ILE D 4 8.42 -6.99 25.99
C ILE D 4 8.44 -5.47 25.84
N VAL D 5 8.06 -4.98 24.65
CA VAL D 5 7.54 -3.61 24.44
C VAL D 5 6.06 -3.67 24.12
N ALA D 6 5.31 -2.87 24.85
CA ALA D 6 3.86 -2.90 24.84
C ALA D 6 3.29 -1.52 25.03
N VAL D 7 2.20 -1.26 24.33
CA VAL D 7 1.29 -0.18 24.65
C VAL D 7 0.06 -0.82 25.23
N GLU D 8 -0.45 -0.26 26.34
CA GLU D 8 -1.51 -0.89 27.16
C GLU D 8 -2.77 -0.04 27.32
N LEU D 9 -3.89 -0.66 27.02
CA LEU D 9 -5.22 -0.10 27.24
C LEU D 9 -5.65 -0.69 28.59
N ASP D 10 -5.24 0.00 29.64
CA ASP D 10 -5.34 -0.48 31.01
C ASP D 10 -6.69 -0.03 31.65
N THR D 11 -7.63 -0.98 31.78
CA THR D 11 -8.95 -0.66 32.25
C THR D 11 -9.07 -0.71 33.76
N TYR D 12 -8.14 -1.36 34.44
CA TYR D 12 -8.29 -1.55 35.86
C TYR D 12 -7.13 -0.91 36.61
N PRO D 13 -7.41 0.11 37.47
CA PRO D 13 -6.39 0.79 38.32
C PRO D 13 -5.83 -0.07 39.47
N ASN D 14 -4.68 -0.67 39.22
CA ASN D 14 -3.96 -1.46 40.20
C ASN D 14 -2.97 -0.51 40.83
N THR D 15 -3.45 0.31 41.75
CA THR D 15 -2.67 1.43 42.27
C THR D 15 -1.51 0.93 43.12
N ASP D 16 -1.71 -0.25 43.76
CA ASP D 16 -0.66 -1.00 44.49
C ASP D 16 0.66 -1.09 43.74
N ILE D 17 0.60 -1.06 42.42
CA ILE D 17 1.77 -1.18 41.54
C ILE D 17 1.96 -0.01 40.55
N GLY D 18 1.51 1.20 40.92
CA GLY D 18 1.78 2.41 40.12
C GLY D 18 0.74 2.87 39.10
N ASP D 19 -0.23 2.03 38.75
CA ASP D 19 -1.36 2.52 37.95
C ASP D 19 -1.89 3.85 38.55
N PRO D 20 -2.41 4.75 37.69
CA PRO D 20 -3.10 5.93 38.22
C PRO D 20 -4.42 5.50 38.80
N SER D 21 -5.16 6.40 39.43
CA SER D 21 -6.45 5.99 40.01
C SER D 21 -7.57 5.69 39.02
N TYR D 22 -7.34 5.92 37.73
CA TYR D 22 -8.38 5.89 36.69
C TYR D 22 -7.85 4.97 35.61
N PRO D 23 -8.73 4.58 34.64
CA PRO D 23 -8.25 3.82 33.51
C PRO D 23 -7.40 4.68 32.65
N HIS D 24 -6.37 4.10 32.08
CA HIS D 24 -5.32 4.89 31.50
C HIS D 24 -4.84 4.18 30.29
N ILE D 25 -4.26 4.93 29.37
CA ILE D 25 -3.38 4.32 28.39
C ILE D 25 -2.00 4.56 28.90
N GLY D 26 -1.07 3.82 28.33
CA GLY D 26 0.23 3.63 28.93
C GLY D 26 1.23 2.98 27.99
N ILE D 27 2.50 3.27 28.19
CA ILE D 27 3.55 2.63 27.43
C ILE D 27 4.45 1.80 28.36
N ASP D 28 4.59 0.53 27.95
CA ASP D 28 5.24 -0.53 28.74
C ASP D 28 6.54 -1.03 28.15
N ILE D 29 7.65 -0.67 28.82
CA ILE D 29 9.00 -0.99 28.39
C ILE D 29 9.68 -1.93 29.41
N LYS D 30 9.66 -3.23 29.09
CA LYS D 30 10.18 -4.30 29.95
C LYS D 30 9.58 -4.42 31.37
N SER D 31 8.47 -3.72 31.64
CA SER D 31 7.84 -3.76 32.96
C SER D 31 6.42 -3.38 32.80
N VAL D 32 5.57 -3.95 33.66
CA VAL D 32 4.17 -3.57 33.71
C VAL D 32 3.93 -2.21 34.37
N ARG D 33 4.89 -1.71 35.15
CA ARG D 33 4.88 -0.31 35.59
C ARG D 33 5.16 0.66 34.43
N SER D 34 4.10 1.05 33.73
CA SER D 34 4.21 1.88 32.52
C SER D 34 5.15 3.07 32.72
N LYS D 35 6.06 3.23 31.77
CA LYS D 35 6.98 4.34 31.78
C LYS D 35 6.26 5.68 31.56
N LYS D 36 5.05 5.66 31.04
CA LYS D 36 4.29 6.86 30.82
C LYS D 36 2.85 6.45 30.59
N THR D 37 1.94 7.26 31.10
CA THR D 37 0.52 7.04 30.99
C THR D 37 -0.27 8.32 30.68
N ALA D 38 -1.52 8.10 30.29
CA ALA D 38 -2.53 9.14 30.17
C ALA D 38 -3.91 8.52 30.37
N LYS D 39 -4.91 9.36 30.51
CA LYS D 39 -6.18 8.97 31.03
C LYS D 39 -7.03 8.69 29.84
N TRP D 40 -7.75 7.59 29.97
CA TRP D 40 -8.55 7.04 28.93
C TRP D 40 -9.93 6.77 29.51
N ASN D 41 -10.88 7.59 29.09
CA ASN D 41 -12.27 7.36 29.43
C ASN D 41 -12.86 6.24 28.56
N MET D 42 -12.55 5.00 28.94
CA MET D 42 -13.05 3.81 28.28
C MET D 42 -14.57 3.77 28.40
N GLN D 43 -15.23 3.72 27.26
CA GLN D 43 -16.68 3.63 27.16
C GLN D 43 -17.06 2.14 27.08
N ASN D 44 -17.80 1.67 28.08
CA ASN D 44 -18.22 0.27 28.18
C ASN D 44 -19.17 -0.11 27.04
N GLY D 45 -18.87 -1.19 26.33
CA GLY D 45 -19.71 -1.63 25.26
C GLY D 45 -19.64 -0.81 24.00
N LYS D 46 -18.64 0.05 23.88
CA LYS D 46 -18.40 0.82 22.66
C LYS D 46 -17.17 0.31 21.91
N VAL D 47 -17.31 0.18 20.58
CA VAL D 47 -16.22 -0.13 19.70
C VAL D 47 -15.35 1.08 19.63
N GLY D 48 -14.08 0.92 20.00
CA GLY D 48 -13.08 2.00 19.98
C GLY D 48 -11.99 1.74 18.95
N THR D 49 -11.16 2.74 18.71
CA THR D 49 -10.00 2.60 17.84
C THR D 49 -8.71 2.85 18.62
N ALA D 50 -7.64 2.22 18.20
CA ALA D 50 -6.30 2.47 18.69
C ALA D 50 -5.28 2.41 17.56
N HIS D 51 -4.32 3.35 17.58
CA HIS D 51 -3.26 3.43 16.59
C HIS D 51 -1.91 3.52 17.32
N ILE D 52 -0.94 2.74 16.88
CA ILE D 52 0.38 2.76 17.50
C ILE D 52 1.44 2.97 16.43
N ILE D 53 2.37 3.89 16.70
CA ILE D 53 3.38 4.36 15.73
C ILE D 53 4.75 4.66 16.35
N TYR D 54 5.78 4.58 15.51
CA TYR D 54 7.17 4.73 15.91
C TYR D 54 8.05 4.90 14.66
N ASN D 55 9.11 5.69 14.79
CA ASN D 55 10.17 5.73 13.77
C ASN D 55 11.51 5.81 14.44
N SER D 56 12.54 5.32 13.74
CA SER D 56 13.93 5.27 14.25
C SER D 56 14.71 6.59 14.09
N VAL D 57 14.07 7.59 13.48
CA VAL D 57 14.61 8.93 13.39
C VAL D 57 14.32 9.65 14.68
N ASP D 58 13.03 9.75 15.04
CA ASP D 58 12.59 10.40 16.30
C ASP D 58 12.63 9.49 17.51
N LYS D 59 12.41 8.20 17.28
CA LYS D 59 12.43 7.23 18.35
C LYS D 59 11.44 7.59 19.48
N ARG D 60 10.21 7.87 19.07
CA ARG D 60 9.10 8.21 19.97
C ARG D 60 8.02 7.14 19.76
N LEU D 61 7.78 6.27 20.76
CA LEU D 61 6.68 5.30 20.65
C LEU D 61 5.41 6.05 21.09
N SER D 62 4.43 6.14 20.18
CA SER D 62 3.21 6.91 20.39
C SER D 62 1.94 6.08 20.17
N ALA D 63 0.85 6.50 20.76
CA ALA D 63 -0.39 5.79 20.68
C ALA D 63 -1.58 6.71 20.87
N VAL D 64 -2.64 6.44 20.10
CA VAL D 64 -3.94 7.10 20.26
C VAL D 64 -5.01 6.10 20.58
N VAL D 65 -5.97 6.45 21.41
CA VAL D 65 -7.10 5.57 21.74
C VAL D 65 -8.35 6.42 21.60
N SER D 66 -9.32 5.97 20.80
CA SER D 66 -10.48 6.82 20.46
C SER D 66 -11.81 6.12 20.27
N TYR D 67 -12.84 6.91 20.49
CA TYR D 67 -14.22 6.54 20.33
C TYR D 67 -14.84 7.60 19.44
N PRO D 68 -15.65 7.19 18.43
CA PRO D 68 -16.24 8.24 17.58
C PRO D 68 -16.92 9.34 18.41
N ASN D 69 -16.71 10.62 18.05
CA ASN D 69 -17.39 11.78 18.67
C ASN D 69 -17.10 12.00 20.16
N ALA D 70 -15.80 11.83 20.50
CA ALA D 70 -15.27 12.11 21.84
C ALA D 70 -13.76 12.30 21.78
N ASP D 71 -13.24 13.02 22.76
CA ASP D 71 -11.82 13.36 22.72
C ASP D 71 -10.99 12.08 22.81
N SER D 72 -10.01 11.95 21.92
CA SER D 72 -9.03 10.88 22.01
C SER D 72 -8.14 10.96 23.30
N ALA D 73 -7.53 9.84 23.70
CA ALA D 73 -6.47 9.85 24.71
C ALA D 73 -5.21 9.59 23.95
N THR D 74 -4.14 10.20 24.41
CA THR D 74 -2.90 10.18 23.70
C THR D 74 -1.80 9.88 24.70
N VAL D 75 -0.81 9.07 24.30
CA VAL D 75 0.39 8.81 25.11
C VAL D 75 1.62 8.51 24.23
N SER D 76 2.78 9.02 24.64
CA SER D 76 4.01 8.97 23.83
C SER D 76 5.24 8.94 24.74
N TYR D 77 6.33 8.40 24.24
CA TYR D 77 7.50 8.19 25.07
C TYR D 77 8.73 7.91 24.21
N ASP D 78 9.86 8.54 24.61
CA ASP D 78 11.14 8.45 23.89
C ASP D 78 11.96 7.19 24.30
N VAL D 79 12.06 6.24 23.35
CA VAL D 79 12.79 4.99 23.48
C VAL D 79 13.51 4.58 22.19
N ASP D 80 14.80 4.22 22.28
CA ASP D 80 15.51 3.59 21.15
C ASP D 80 15.18 2.12 21.14
N LEU D 81 14.29 1.72 20.25
CA LEU D 81 13.83 0.36 20.27
C LEU D 81 14.98 -0.62 20.08
N ASP D 82 15.96 -0.25 19.26
CA ASP D 82 17.10 -1.15 18.97
C ASP D 82 17.96 -1.48 20.17
N ASN D 83 18.00 -0.55 21.13
CA ASN D 83 18.70 -0.77 22.40
C ASN D 83 17.85 -1.57 23.42
N VAL D 84 16.63 -1.96 23.07
CA VAL D 84 15.74 -2.74 23.95
C VAL D 84 15.38 -4.10 23.36
N LEU D 85 14.82 -4.07 22.17
CA LEU D 85 14.30 -5.26 21.52
C LEU D 85 15.36 -5.93 20.62
N PRO D 86 15.25 -7.25 20.40
CA PRO D 86 16.17 -7.92 19.47
C PRO D 86 15.82 -7.66 17.99
N GLU D 87 16.84 -7.72 17.14
CA GLU D 87 16.73 -7.46 15.69
C GLU D 87 15.44 -8.02 15.05
N TRP D 88 15.09 -9.25 15.40
CA TRP D 88 13.81 -9.87 14.97
C TRP D 88 12.83 -10.01 16.13
N VAL D 89 11.56 -9.71 15.85
CA VAL D 89 10.45 -9.77 16.82
C VAL D 89 9.22 -10.42 16.23
N ARG D 90 8.27 -10.75 17.08
CA ARG D 90 6.91 -10.92 16.64
C ARG D 90 6.03 -9.83 17.24
N VAL D 91 4.92 -9.58 16.58
CA VAL D 91 3.94 -8.53 17.00
C VAL D 91 2.63 -9.17 17.38
N GLY D 92 1.97 -8.57 18.36
CA GLY D 92 0.69 -9.11 18.87
C GLY D 92 -0.20 -8.23 19.73
N LEU D 93 -1.33 -8.80 20.10
CA LEU D 93 -2.30 -8.25 21.02
C LEU D 93 -2.47 -9.23 22.24
N SER D 94 -2.68 -8.65 23.42
CA SER D 94 -2.79 -9.42 24.66
C SER D 94 -3.89 -8.82 25.53
N ALA D 95 -4.41 -9.59 26.46
CA ALA D 95 -5.55 -9.18 27.27
C ALA D 95 -5.71 -10.15 28.42
N SER D 96 -6.23 -9.63 29.53
CA SER D 96 -6.39 -10.36 30.78
C SER D 96 -7.63 -9.89 31.54
N THR D 97 -8.31 -10.85 32.19
CA THR D 97 -9.24 -10.57 33.29
C THR D 97 -8.64 -11.19 34.54
N GLY D 98 -9.21 -10.86 35.68
CA GLY D 98 -8.71 -11.28 37.01
C GLY D 98 -9.91 -11.54 37.90
N LEU D 99 -10.01 -10.83 39.00
CA LEU D 99 -11.21 -10.94 39.87
C LEU D 99 -12.43 -10.34 39.17
N TYR D 100 -12.21 -9.22 38.49
CA TYR D 100 -13.22 -8.58 37.64
C TYR D 100 -12.90 -8.86 36.16
N LYS D 101 -13.92 -8.70 35.32
CA LYS D 101 -13.86 -9.14 33.93
C LYS D 101 -14.48 -8.14 32.92
N GLU D 102 -14.20 -8.41 31.65
CA GLU D 102 -14.63 -7.59 30.54
C GLU D 102 -14.51 -8.48 29.31
N THR D 103 -15.27 -8.27 28.25
CA THR D 103 -14.94 -8.95 26.96
C THR D 103 -13.75 -8.22 26.35
N ASN D 104 -12.93 -8.93 25.58
CA ASN D 104 -11.76 -8.32 24.92
C ASN D 104 -11.82 -8.71 23.43
N THR D 105 -12.99 -8.49 22.84
CA THR D 105 -13.24 -8.70 21.44
C THR D 105 -12.41 -7.76 20.57
N ILE D 106 -11.84 -8.31 19.49
CA ILE D 106 -11.09 -7.49 18.56
C ILE D 106 -11.82 -7.64 17.24
N LEU D 107 -12.08 -6.50 16.61
CA LEU D 107 -12.85 -6.47 15.42
C LEU D 107 -12.00 -6.36 14.16
N SER D 108 -10.75 -5.94 14.34
CA SER D 108 -9.82 -5.57 13.26
C SER D 108 -8.42 -5.34 13.85
N TRP D 109 -7.39 -5.66 13.08
CA TRP D 109 -5.99 -5.46 13.47
C TRP D 109 -5.22 -5.16 12.15
N SER D 110 -4.34 -4.14 12.17
CA SER D 110 -3.39 -3.90 11.10
C SER D 110 -2.01 -3.48 11.57
N PHE D 111 -1.05 -3.68 10.67
CA PHE D 111 0.37 -3.47 10.93
C PHE D 111 1.15 -3.18 9.61
N THR D 112 2.16 -2.30 9.72
CA THR D 112 3.07 -1.97 8.62
C THR D 112 4.51 -1.81 9.18
N SER D 113 5.44 -2.71 8.79
CA SER D 113 6.89 -2.52 9.02
C SER D 113 7.56 -1.92 7.79
N LYS D 114 8.28 -0.81 7.92
CA LYS D 114 9.24 -0.35 6.87
C LYS D 114 10.68 -0.34 7.37
N LEU D 115 11.58 -0.90 6.56
CA LEU D 115 13.01 -0.83 6.85
C LEU D 115 13.92 -0.47 5.66
N LYS D 116 14.65 0.64 5.79
CA LYS D 116 15.05 1.49 4.66
C LYS D 116 16.56 1.75 4.52
N THR D 123 14.59 -0.56 0.60
CA THR D 123 13.33 -0.77 1.34
C THR D 123 12.93 -2.24 1.47
N ASN D 124 12.83 -2.74 2.72
CA ASN D 124 12.10 -4.00 3.01
C ASN D 124 10.78 -3.67 3.78
N ALA D 125 9.71 -4.40 3.47
CA ALA D 125 8.38 -4.04 4.01
C ALA D 125 7.51 -5.21 4.39
N LEU D 126 6.53 -4.98 5.25
CA LEU D 126 5.55 -6.00 5.66
C LEU D 126 4.17 -5.41 6.07
N HIS D 127 3.07 -5.95 5.57
CA HIS D 127 1.74 -5.47 5.98
C HIS D 127 0.74 -6.58 6.02
N PHE D 128 -0.01 -6.65 7.12
CA PHE D 128 -1.23 -7.46 7.15
C PHE D 128 -2.39 -6.61 7.61
N MET D 129 -3.54 -6.83 6.99
CA MET D 129 -4.78 -6.29 7.47
C MET D 129 -5.74 -7.42 7.79
N PHE D 130 -6.13 -7.50 9.07
CA PHE D 130 -7.25 -8.31 9.53
C PHE D 130 -8.50 -7.46 9.79
N ASN D 131 -9.52 -7.66 8.96
CA ASN D 131 -10.85 -7.04 9.14
C ASN D 131 -11.81 -7.99 9.75
N GLN D 132 -11.60 -9.27 9.46
CA GLN D 132 -12.37 -10.34 10.06
C GLN D 132 -11.55 -11.64 10.17
N PHE D 133 -11.87 -12.44 11.18
CA PHE D 133 -11.11 -13.61 11.58
C PHE D 133 -11.90 -14.89 11.33
N SER D 134 -11.30 -15.82 10.60
CA SER D 134 -11.89 -17.15 10.42
C SER D 134 -11.53 -18.13 11.59
N LYS D 135 -12.35 -19.16 11.71
CA LYS D 135 -12.21 -20.19 12.73
C LYS D 135 -10.83 -20.84 12.77
N ASP D 136 -10.25 -21.06 11.60
CA ASP D 136 -8.92 -21.59 11.54
C ASP D 136 -7.98 -20.53 10.92
N GLN D 137 -7.68 -19.52 11.74
CA GLN D 137 -6.90 -18.36 11.31
C GLN D 137 -5.42 -18.72 11.42
N LYS D 138 -4.90 -19.36 10.38
CA LYS D 138 -3.57 -19.99 10.39
C LYS D 138 -2.36 -19.05 10.39
N ASP D 139 -2.55 -17.80 10.00
CA ASP D 139 -1.47 -16.81 10.06
C ASP D 139 -1.39 -16.05 11.40
N LEU D 140 -2.12 -16.54 12.39
CA LEU D 140 -2.04 -16.06 13.75
C LEU D 140 -1.63 -17.23 14.66
N ILE D 141 -0.76 -16.93 15.62
CA ILE D 141 -0.42 -17.83 16.70
C ILE D 141 -1.34 -17.40 17.83
N LEU D 142 -2.22 -18.31 18.26
CA LEU D 142 -3.12 -18.06 19.39
C LEU D 142 -2.54 -18.72 20.62
N GLN D 143 -2.43 -17.95 21.70
CA GLN D 143 -1.84 -18.43 22.94
C GLN D 143 -2.87 -18.26 24.04
N GLY D 144 -2.96 -19.24 24.95
CA GLY D 144 -3.86 -19.16 26.07
C GLY D 144 -5.32 -19.32 25.73
N ASP D 145 -6.17 -18.45 26.29
CA ASP D 145 -7.61 -18.52 26.08
C ASP D 145 -8.16 -17.94 24.74
N ALA D 146 -7.29 -17.47 23.83
CA ALA D 146 -7.73 -16.75 22.61
C ALA D 146 -8.33 -17.66 21.51
N THR D 147 -9.43 -17.20 20.91
CA THR D 147 -10.14 -17.97 19.89
C THR D 147 -10.51 -17.07 18.75
N THR D 148 -10.77 -17.68 17.61
CA THR D 148 -11.20 -16.96 16.43
C THR D 148 -12.43 -17.58 15.84
N GLY D 149 -13.26 -16.75 15.22
CA GLY D 149 -14.37 -17.18 14.36
C GLY D 149 -15.75 -16.69 14.80
N THR D 150 -15.95 -16.64 16.12
CA THR D 150 -17.24 -16.26 16.70
C THR D 150 -17.55 -14.77 16.39
N ASP D 151 -18.63 -14.54 15.64
CA ASP D 151 -18.94 -13.26 14.97
C ASP D 151 -17.85 -12.76 14.03
N GLY D 152 -17.01 -13.68 13.56
CA GLY D 152 -15.82 -13.37 12.77
C GLY D 152 -14.73 -12.52 13.44
N ASN D 153 -14.60 -12.64 14.75
CA ASN D 153 -13.69 -11.82 15.55
C ASN D 153 -12.64 -12.60 16.36
N LEU D 154 -11.71 -11.85 16.92
CA LEU D 154 -10.70 -12.39 17.82
C LEU D 154 -11.06 -12.00 19.27
N GLU D 155 -11.38 -13.01 20.06
CA GLU D 155 -11.62 -12.85 21.46
C GLU D 155 -10.33 -13.30 22.13
N LEU D 156 -9.58 -12.32 22.63
CA LEU D 156 -8.36 -12.59 23.38
C LEU D 156 -8.67 -13.38 24.66
N THR D 157 -9.75 -13.06 25.36
CA THR D 157 -10.10 -13.76 26.59
C THR D 157 -11.45 -14.47 26.48
N ARG D 158 -11.63 -15.42 27.39
CA ARG D 158 -12.74 -16.34 27.34
C ARG D 158 -14.11 -15.66 27.55
N VAL D 159 -15.05 -16.10 26.72
CA VAL D 159 -16.40 -15.63 26.70
C VAL D 159 -17.28 -16.87 26.76
N SER D 160 -18.27 -16.88 27.65
CA SER D 160 -19.21 -18.01 27.73
C SER D 160 -20.21 -18.00 26.57
N SER D 161 -21.02 -19.05 26.46
CA SER D 161 -22.01 -19.20 25.37
C SER D 161 -23.26 -18.31 25.53
N ASN D 162 -23.41 -17.71 26.71
CA ASN D 162 -24.30 -16.57 26.90
C ASN D 162 -23.70 -15.27 26.34
N GLY D 163 -22.47 -15.31 25.84
CA GLY D 163 -21.75 -14.12 25.34
C GLY D 163 -21.08 -13.27 26.40
N SER D 164 -21.01 -13.75 27.65
CA SER D 164 -20.55 -12.94 28.78
C SER D 164 -19.14 -13.36 29.22
N PRO D 165 -18.37 -12.41 29.79
CA PRO D 165 -16.95 -12.66 30.04
C PRO D 165 -16.65 -13.42 31.33
N GLN D 166 -15.77 -14.42 31.25
CA GLN D 166 -15.28 -15.17 32.42
C GLN D 166 -14.04 -14.47 32.98
N GLY D 167 -13.99 -14.30 34.30
CA GLY D 167 -12.87 -13.66 34.99
C GLY D 167 -11.67 -14.58 35.09
N SER D 168 -10.58 -14.06 35.64
CA SER D 168 -9.27 -14.72 35.65
C SER D 168 -8.92 -15.60 34.40
N SER D 169 -8.87 -14.92 33.25
CA SER D 169 -8.52 -15.48 31.94
C SER D 169 -7.41 -14.70 31.27
N VAL D 170 -6.69 -15.34 30.36
CA VAL D 170 -5.58 -14.69 29.63
C VAL D 170 -5.38 -15.34 28.24
N GLY D 171 -5.23 -14.49 27.21
CA GLY D 171 -4.96 -14.93 25.81
C GLY D 171 -4.21 -13.91 24.95
N ARG D 172 -3.65 -14.37 23.82
CA ARG D 172 -2.89 -13.50 22.91
C ARG D 172 -2.96 -14.02 21.48
N ALA D 173 -3.11 -13.08 20.51
CA ALA D 173 -2.77 -13.39 19.09
C ALA D 173 -1.52 -12.69 18.62
N LEU D 174 -0.52 -13.47 18.19
CA LEU D 174 0.64 -12.98 17.41
C LEU D 174 0.55 -13.34 15.89
N PHE D 175 0.98 -12.43 15.01
CA PHE D 175 1.08 -12.69 13.58
C PHE D 175 2.23 -13.66 13.31
N TYR D 176 2.02 -14.63 12.42
CA TYR D 176 2.91 -15.81 12.26
C TYR D 176 4.35 -15.48 11.78
N ALA D 177 4.50 -14.46 10.95
CA ALA D 177 5.79 -14.11 10.39
C ALA D 177 6.58 -13.23 11.36
N PRO D 178 7.83 -13.65 11.65
CA PRO D 178 8.78 -12.74 12.31
C PRO D 178 8.91 -11.40 11.58
N VAL D 179 9.13 -10.32 12.33
CA VAL D 179 9.14 -8.96 11.80
C VAL D 179 10.50 -8.34 12.10
N HIS D 180 11.19 -7.81 11.09
CA HIS D 180 12.45 -7.10 11.29
C HIS D 180 12.19 -5.66 11.67
N ILE D 181 12.47 -5.33 12.91
CA ILE D 181 12.00 -4.09 13.47
C ILE D 181 13.13 -3.02 13.69
N TRP D 182 14.35 -3.40 13.39
CA TRP D 182 15.43 -2.46 13.24
C TRP D 182 16.62 -3.19 12.68
N GLU D 183 17.43 -2.45 11.93
CA GLU D 183 18.76 -2.88 11.51
C GLU D 183 19.73 -1.77 11.90
N SER D 184 21.00 -2.12 12.05
CA SER D 184 22.06 -1.11 12.28
C SER D 184 22.24 -0.19 11.05
N SER D 185 21.95 -0.71 9.84
CA SER D 185 22.12 -0.02 8.54
C SER D 185 20.84 0.62 7.93
N ALA D 186 19.94 1.10 8.79
CA ALA D 186 18.68 1.74 8.39
C ALA D 186 18.81 3.23 8.28
N VAL D 187 18.33 3.79 7.19
CA VAL D 187 18.21 5.23 7.05
C VAL D 187 17.03 5.62 7.94
N VAL D 188 15.85 5.01 7.67
CA VAL D 188 14.65 5.07 8.53
C VAL D 188 14.19 3.64 8.80
N ALA D 189 13.57 3.37 9.93
CA ALA D 189 12.75 2.19 10.07
C ALA D 189 11.49 2.67 10.71
N SER D 190 10.38 2.00 10.44
CA SER D 190 9.12 2.43 11.06
C SER D 190 8.07 1.38 11.08
N PHE D 191 7.20 1.47 12.08
CA PHE D 191 5.98 0.66 12.11
C PHE D 191 4.73 1.47 12.48
N GLU D 192 3.60 1.06 11.89
CA GLU D 192 2.27 1.50 12.33
C GLU D 192 1.52 0.24 12.77
N ALA D 193 0.76 0.35 13.86
CA ALA D 193 -0.22 -0.66 14.22
C ALA D 193 -1.53 0.02 14.56
N THR D 194 -2.62 -0.59 14.13
CA THR D 194 -3.98 -0.04 14.30
C THR D 194 -4.86 -1.24 14.73
N PHE D 195 -5.86 -1.01 15.56
CA PHE D 195 -6.84 -2.09 15.85
C PHE D 195 -8.14 -1.52 16.42
N THR D 196 -9.26 -2.19 16.13
CA THR D 196 -10.52 -1.89 16.79
C THR D 196 -10.90 -2.99 17.81
N PHE D 197 -11.50 -2.58 18.93
CA PHE D 197 -11.84 -3.45 20.05
C PHE D 197 -13.24 -3.17 20.56
N LEU D 198 -13.70 -3.95 21.54
CA LEU D 198 -14.98 -3.76 22.21
C LEU D 198 -14.94 -4.41 23.59
N ILE D 199 -15.08 -3.58 24.63
CA ILE D 199 -14.97 -3.99 26.02
C ILE D 199 -16.33 -3.87 26.61
N LYS D 200 -16.90 -5.04 26.92
CA LYS D 200 -18.24 -5.24 27.39
C LYS D 200 -18.15 -5.97 28.75
N SER D 201 -18.43 -5.23 29.82
CA SER D 201 -18.45 -5.80 31.17
C SER D 201 -19.74 -5.49 31.92
N PRO D 202 -20.42 -6.54 32.45
CA PRO D 202 -21.46 -6.28 33.46
C PRO D 202 -20.91 -5.88 34.85
N ASP D 203 -19.59 -5.86 35.05
CA ASP D 203 -19.01 -5.43 36.34
C ASP D 203 -18.98 -3.92 36.51
N SER D 204 -19.23 -3.48 37.74
CA SER D 204 -18.96 -2.10 38.14
C SER D 204 -17.62 -1.59 37.60
N HIS D 205 -16.56 -2.37 37.82
CA HIS D 205 -15.22 -2.03 37.34
C HIS D 205 -14.66 -3.12 36.44
N PRO D 206 -14.62 -2.90 35.11
CA PRO D 206 -13.98 -3.90 34.25
C PRO D 206 -12.50 -4.02 34.46
N ALA D 207 -12.01 -5.21 34.17
CA ALA D 207 -10.60 -5.47 34.26
C ALA D 207 -10.35 -6.51 33.20
N ASP D 208 -9.14 -6.59 32.66
CA ASP D 208 -7.98 -5.79 33.08
C ASP D 208 -7.41 -4.91 31.97
N GLY D 209 -7.81 -5.17 30.72
CA GLY D 209 -7.39 -4.33 29.60
C GLY D 209 -6.80 -5.07 28.42
N ILE D 210 -6.48 -4.29 27.39
CA ILE D 210 -5.82 -4.81 26.19
C ILE D 210 -4.46 -4.13 26.04
N ALA D 211 -3.56 -4.82 25.39
CA ALA D 211 -2.30 -4.27 25.00
C ALA D 211 -1.97 -4.82 23.59
N PHE D 212 -1.37 -3.96 22.77
CA PHE D 212 -0.63 -4.39 21.57
C PHE D 212 0.82 -4.50 22.05
N PHE D 213 1.50 -5.57 21.61
CA PHE D 213 2.89 -5.87 22.01
C PHE D 213 3.84 -6.36 20.91
N ILE D 214 5.12 -6.05 21.11
CA ILE D 214 6.21 -6.51 20.28
C ILE D 214 7.13 -7.24 21.25
N SER D 215 7.57 -8.44 20.88
CA SER D 215 8.46 -9.21 21.76
C SER D 215 9.45 -10.06 21.00
N ASN D 216 10.39 -10.68 21.72
CA ASN D 216 11.21 -11.76 21.18
C ASN D 216 10.33 -12.78 20.49
N ILE D 217 10.78 -13.26 19.33
CA ILE D 217 9.96 -14.16 18.49
C ILE D 217 9.34 -15.36 19.26
N ASP D 218 10.09 -15.99 20.18
CA ASP D 218 9.65 -17.20 20.92
C ASP D 218 8.82 -16.93 22.20
N SER D 219 8.25 -15.73 22.30
CA SER D 219 7.60 -15.26 23.51
C SER D 219 6.33 -16.06 23.76
N SER D 220 5.98 -16.21 25.03
CA SER D 220 4.88 -17.09 25.44
C SER D 220 4.17 -16.44 26.58
N ILE D 221 2.94 -16.85 26.90
CA ILE D 221 2.23 -16.25 28.02
C ILE D 221 3.01 -16.58 29.30
N PRO D 222 3.47 -15.55 30.07
CA PRO D 222 4.12 -15.90 31.33
C PRO D 222 3.12 -16.57 32.24
N SER D 223 3.54 -17.73 32.76
CA SER D 223 2.70 -18.53 33.61
C SER D 223 2.21 -17.63 34.72
N GLY D 224 0.91 -17.65 34.95
CA GLY D 224 0.25 -16.80 35.92
C GLY D 224 -0.12 -15.39 35.51
N SER D 225 0.13 -14.95 34.26
CA SER D 225 0.01 -13.52 33.86
C SER D 225 -1.42 -12.90 33.66
N THR D 226 -2.39 -13.40 34.43
CA THR D 226 -3.75 -12.88 34.46
C THR D 226 -3.80 -11.61 35.35
N GLY D 227 -4.96 -11.00 35.44
CA GLY D 227 -5.11 -9.84 36.28
C GLY D 227 -4.36 -8.65 35.70
N ARG D 228 -3.85 -7.84 36.61
CA ARG D 228 -3.09 -6.67 36.29
C ARG D 228 -1.94 -6.85 35.34
N LEU D 229 -1.51 -8.10 35.18
CA LEU D 229 -0.32 -8.41 34.41
C LEU D 229 -0.56 -8.64 32.85
N LEU D 230 -1.81 -8.63 32.38
CA LEU D 230 -2.09 -8.39 30.93
C LEU D 230 -1.39 -9.33 29.95
N GLY D 231 -0.99 -10.52 30.43
CA GLY D 231 -0.42 -11.57 29.57
C GLY D 231 0.98 -11.31 29.11
N LEU D 232 1.66 -10.35 29.70
CA LEU D 232 2.93 -9.86 29.17
C LEU D 232 4.12 -10.09 30.10
N PHE D 233 3.93 -9.84 31.40
CA PHE D 233 5.00 -9.72 32.38
C PHE D 233 4.87 -10.80 33.49
N PRO D 234 5.98 -11.39 33.92
CA PRO D 234 5.80 -12.49 34.89
C PRO D 234 5.38 -12.02 36.29
N ASP D 235 5.67 -10.76 36.59
CA ASP D 235 5.48 -10.15 37.89
C ASP D 235 5.25 -8.63 37.74
N ALA D 236 5.02 -7.95 38.86
CA ALA D 236 4.62 -6.55 38.86
C ALA D 236 5.78 -5.55 39.02
N ASN D 237 7.01 -5.98 38.75
CA ASN D 237 8.20 -5.14 38.89
C ASN D 237 8.39 -4.32 37.63
MN MN E . -27.41 -0.73 -20.22
CA CA F . -30.64 1.74 -18.92
CA CA G . 12.63 -4.74 -16.70
MN MN H . 9.24 -27.16 -18.68
CA CA I . 13.24 -28.17 -18.32
MN MN J . 19.34 27.41 4.77
CA CA K . 21.42 28.62 1.44
C1 MAN L . 24.44 34.99 -5.14
C2 MAN L . 22.96 35.14 -4.83
C3 MAN L . 22.60 34.25 -3.64
C4 MAN L . 22.97 32.80 -3.92
C5 MAN L . 24.43 32.66 -4.34
C6 MAN L . 24.73 31.28 -4.94
O2 MAN L . 22.17 34.84 -6.00
O3 MAN L . 21.20 34.33 -3.33
O4 MAN L . 22.76 32.01 -2.74
O5 MAN L . 24.79 33.63 -5.36
O6 MAN L . 24.18 31.06 -6.25
N TA5 M . 28.18 37.10 -3.10
CA TA5 M . 27.28 36.08 -3.09
CB TA5 M . 26.58 35.64 -4.33
OG TA5 M . 25.17 35.48 -4.08
NT TA5 M . 28.04 36.35 -1.10
C TA5 M . 27.19 35.60 -1.81
N2 TA5 M . 28.64 37.26 -1.89
MN MN N . -1.19 0.16 33.85
CA CA O . -3.92 -2.15 35.41
CA CA P . -12.81 6.46 15.73
C1 MAN Q . -7.59 -9.07 41.35
C2 MAN Q . -6.26 -9.55 40.75
C3 MAN Q . -5.62 -8.38 39.99
C4 MAN Q . -6.57 -7.86 38.91
C5 MAN Q . -7.95 -7.51 39.51
C6 MAN Q . -9.02 -7.25 38.44
O2 MAN Q . -6.40 -10.68 39.89
O3 MAN Q . -4.39 -8.81 39.41
O4 MAN Q . -6.01 -6.69 38.32
O5 MAN Q . -8.45 -8.61 40.32
O6 MAN Q . -9.40 -8.38 37.65
N TA5 R . -7.99 -6.69 45.29
CA TA5 R . -8.01 -6.48 43.95
CB TA5 R . -8.45 -7.53 42.99
OG TA5 R . -7.32 -8.02 42.23
NT TA5 R . -7.31 -4.70 44.94
C TA5 R . -7.57 -5.21 43.73
N2 TA5 R . -7.58 -5.61 45.90
#